data_5NZE
#
_entry.id   5NZE
#
_cell.length_a   118.670
_cell.length_b   136.590
_cell.length_c   119.140
_cell.angle_alpha   90.000
_cell.angle_beta   90.000
_cell.angle_gamma   90.000
#
_symmetry.space_group_name_H-M   'C 2 2 21'
#
loop_
_entity.id
_entity.type
_entity.pdbx_description
1 polymer Neuraminidase
2 branched alpha-D-mannopyranose-(1-3)-beta-D-mannopyranose-(1-4)-2-acetamido-2-deoxy-beta-D-glucopyranose-(1-4)-2-acetamido-2-deoxy-beta-D-glucopyranose
3 non-polymer 'CALCIUM ION'
4 non-polymer '(3R,4R,5S)-4-(acetylamino)-5-amino-3-(pentan-3-yloxy)cyclohex-1-ene-1-carboxylic acid'
5 non-polymer 2-acetamido-2-deoxy-beta-D-glucopyranose
6 non-polymer 1,2-ETHANEDIOL
7 water water
#
_entity_poly.entity_id   1
_entity_poly.type   'polypeptide(L)'
_entity_poly.pdbx_seq_one_letter_code
;SVKLAGNSSLCPVSGWAIYSKDNSVRIGSKGDVFVIREPFISCSPLECRTFFLTQGALLNDKHSNGTIKDRSPYRTLMSC
PIGEVPSPYNSRFESVAWSASACHDGINWLTIGISGPDNGAVAVLKYNGIITDTIKSWRNNILRTQESECACVNGSCFTV
MTDGPNNGQASYKIFRIEKGKIVKSVEMNAPNYHYEECSCYPDSSEITCVCRDNWHGSNRPWVSFNQNLEYQIGYICSGI
FGDNPRPNDKTGSCGPVSSNGANGVKGFSFKYGNGVWIGRTKSISSRNGFEMIWDPNGWTGTDNNFSIKQDIVGINEWSG
YSGSFVQHPELTGLDCIRPCFWVELIRGRPKENTIWTSGSSISFCGVNSDTVGWSWPDGAELPFTIDK
;
_entity_poly.pdbx_strand_id   A,B
#
loop_
_chem_comp.id
_chem_comp.type
_chem_comp.name
_chem_comp.formula
BMA D-saccharide, beta linking beta-D-mannopyranose 'C6 H12 O6'
CA non-polymer 'CALCIUM ION' 'Ca 2'
EDO non-polymer 1,2-ETHANEDIOL 'C2 H6 O2'
G39 non-polymer '(3R,4R,5S)-4-(acetylamino)-5-amino-3-(pentan-3-yloxy)cyclohex-1-ene-1-carboxylic acid' 'C14 H24 N2 O4'
MAN D-saccharide, alpha linking alpha-D-mannopyranose 'C6 H12 O6'
NAG D-saccharide, beta linking 2-acetamido-2-deoxy-beta-D-glucopyranose 'C8 H15 N O6'
#
# COMPACT_ATOMS: atom_id res chain seq x y z
N SER A 1 19.14 11.38 -29.15
CA SER A 1 18.99 10.43 -27.90
C SER A 1 18.03 10.98 -26.78
N VAL A 2 16.80 10.44 -26.72
CA VAL A 2 15.68 11.05 -26.02
C VAL A 2 14.87 9.99 -25.26
N LYS A 3 14.35 10.36 -24.10
CA LYS A 3 13.52 9.45 -23.27
C LYS A 3 12.29 9.07 -24.03
N LEU A 4 11.88 7.80 -23.94
CA LEU A 4 10.58 7.41 -24.43
C LEU A 4 9.42 8.15 -23.73
N ALA A 5 8.47 8.65 -24.52
CA ALA A 5 7.36 9.41 -23.91
C ALA A 5 6.42 8.48 -23.15
N GLY A 6 6.00 7.38 -23.79
CA GLY A 6 5.09 6.45 -23.16
C GLY A 6 3.66 6.96 -22.96
N ASN A 7 3.26 7.99 -23.72
CA ASN A 7 1.99 8.67 -23.48
C ASN A 7 0.85 8.46 -24.45
N SER A 8 1.15 7.71 -25.53
CA SER A 8 0.16 7.34 -26.52
C SER A 8 -0.48 6.06 -26.07
N SER A 9 -1.63 5.74 -26.66
CA SER A 9 -2.38 4.56 -26.29
C SER A 9 -1.85 3.33 -27.02
N LEU A 10 -2.19 2.14 -26.53
CA LEU A 10 -1.88 0.93 -27.28
C LEU A 10 -2.55 0.95 -28.67
N CYS A 11 -1.86 0.45 -29.67
CA CYS A 11 -2.43 0.37 -31.02
C CYS A 11 -3.55 -0.66 -31.08
N PRO A 12 -4.59 -0.40 -31.89
CA PRO A 12 -5.66 -1.38 -32.04
C PRO A 12 -5.11 -2.50 -32.90
N VAL A 13 -5.37 -3.78 -32.54
CA VAL A 13 -4.85 -4.94 -33.32
C VAL A 13 -5.91 -6.01 -33.62
N SER A 14 -5.91 -6.47 -34.86
CA SER A 14 -6.87 -7.47 -35.30
C SER A 14 -6.23 -8.82 -35.26
N GLY A 15 -4.90 -8.89 -35.15
CA GLY A 15 -4.28 -10.19 -35.31
C GLY A 15 -2.79 -10.01 -35.17
N TRP A 16 -2.05 -11.12 -35.18
CA TRP A 16 -0.68 -11.17 -34.82
C TRP A 16 0.18 -11.75 -35.96
N ALA A 17 1.17 -10.99 -36.36
CA ALA A 17 2.09 -11.35 -37.48
C ALA A 17 3.38 -11.87 -36.90
N ILE A 18 3.88 -13.00 -37.39
CA ILE A 18 5.07 -13.57 -36.83
C ILE A 18 6.32 -12.70 -37.06
N TYR A 19 7.08 -12.52 -35.99
CA TYR A 19 8.21 -11.59 -35.94
C TYR A 19 9.53 -12.29 -35.85
N SER A 20 9.68 -13.28 -34.97
CA SER A 20 10.91 -14.04 -34.87
C SER A 20 10.74 -15.48 -34.50
N LYS A 21 11.76 -16.25 -34.85
CA LYS A 21 11.89 -17.64 -34.36
C LYS A 21 13.39 -17.96 -34.30
N ASP A 22 13.90 -18.45 -33.17
CA ASP A 22 15.35 -18.65 -33.06
C ASP A 22 15.84 -20.12 -33.30
N ASN A 23 14.96 -21.08 -33.20
CA ASN A 23 15.33 -22.50 -33.41
C ASN A 23 16.49 -22.94 -32.53
N SER A 24 16.56 -22.40 -31.31
CA SER A 24 17.76 -22.55 -30.47
C SER A 24 18.10 -24.00 -30.14
N VAL A 25 17.08 -24.78 -29.81
CA VAL A 25 17.29 -26.16 -29.36
C VAL A 25 17.72 -27.00 -30.56
N ARG A 26 17.08 -26.85 -31.74
CA ARG A 26 17.49 -27.57 -32.95
C ARG A 26 18.96 -27.28 -33.28
N ILE A 27 19.35 -26.00 -33.22
CA ILE A 27 20.71 -25.58 -33.56
C ILE A 27 21.69 -26.08 -32.51
N GLY A 28 21.30 -26.04 -31.24
CA GLY A 28 22.19 -26.44 -30.13
C GLY A 28 22.53 -27.92 -30.09
N SER A 29 21.80 -28.71 -30.84
CA SER A 29 22.17 -30.13 -31.05
C SER A 29 23.63 -30.26 -31.54
N LYS A 30 24.08 -29.33 -32.37
CA LYS A 30 25.47 -29.28 -32.83
C LYS A 30 26.22 -28.03 -32.39
N GLY A 31 25.59 -26.88 -32.58
CA GLY A 31 26.27 -25.60 -32.30
C GLY A 31 26.43 -25.32 -30.84
N ASP A 32 27.11 -24.22 -30.52
CA ASP A 32 27.41 -23.86 -29.14
C ASP A 32 26.34 -22.87 -28.67
N VAL A 33 25.27 -23.41 -28.06
CA VAL A 33 24.07 -22.66 -27.71
C VAL A 33 23.86 -22.83 -26.20
N PHE A 34 23.63 -21.74 -25.49
CA PHE A 34 23.40 -21.82 -24.07
C PHE A 34 22.11 -22.60 -23.75
N VAL A 35 22.19 -23.41 -22.68
CA VAL A 35 20.97 -23.84 -21.98
C VAL A 35 20.34 -22.62 -21.35
N ILE A 36 19.08 -22.36 -21.65
CA ILE A 36 18.40 -21.19 -21.12
C ILE A 36 16.99 -21.53 -20.70
N ARG A 37 16.46 -20.71 -19.83
CA ARG A 37 15.01 -20.61 -19.67
C ARG A 37 14.70 -19.14 -19.33
N GLU A 38 13.42 -18.84 -19.22
CA GLU A 38 12.93 -17.50 -18.89
C GLU A 38 13.46 -16.47 -19.89
N PRO A 39 13.31 -16.74 -21.19
CA PRO A 39 13.65 -15.70 -22.16
C PRO A 39 12.64 -14.56 -22.19
N PHE A 40 13.06 -13.40 -22.68
CA PHE A 40 12.05 -12.36 -22.94
C PHE A 40 12.57 -11.34 -23.97
N ILE A 41 11.69 -10.53 -24.59
CA ILE A 41 12.15 -9.62 -25.58
C ILE A 41 11.94 -8.22 -25.01
N SER A 42 12.88 -7.33 -25.34
CA SER A 42 12.71 -5.89 -25.02
C SER A 42 13.43 -5.07 -26.09
N CYS A 43 12.90 -3.87 -26.35
CA CYS A 43 13.41 -3.05 -27.46
C CYS A 43 13.94 -1.68 -26.95
N SER A 44 14.87 -1.16 -27.75
CA SER A 44 15.36 0.21 -27.53
C SER A 44 14.72 1.04 -28.68
N PRO A 45 15.01 2.36 -28.77
CA PRO A 45 14.64 3.10 -29.96
C PRO A 45 15.32 2.62 -31.24
N LEU A 46 16.39 1.83 -31.14
CA LEU A 46 17.10 1.33 -32.31
C LEU A 46 16.99 -0.19 -32.59
N GLU A 47 16.69 -1.05 -31.62
CA GLU A 47 16.76 -2.54 -31.90
C GLU A 47 15.96 -3.35 -30.86
N CYS A 48 15.72 -4.62 -31.13
CA CYS A 48 15.02 -5.49 -30.21
C CYS A 48 16.00 -6.56 -29.84
N ARG A 49 16.03 -6.89 -28.58
CA ARG A 49 16.95 -7.89 -28.05
C ARG A 49 16.20 -9.01 -27.31
N THR A 50 16.78 -10.23 -27.30
CA THR A 50 16.25 -11.34 -26.53
C THR A 50 17.10 -11.39 -25.29
N PHE A 51 16.48 -11.28 -24.11
CA PHE A 51 17.17 -11.51 -22.85
C PHE A 51 16.82 -12.95 -22.40
N PHE A 52 17.65 -13.52 -21.54
CA PHE A 52 17.44 -14.91 -21.11
C PHE A 52 18.31 -15.24 -19.92
N LEU A 53 17.87 -16.22 -19.12
CA LEU A 53 18.65 -16.71 -18.00
C LEU A 53 19.40 -17.98 -18.42
N THR A 54 20.72 -17.87 -18.59
CA THR A 54 21.52 -19.06 -18.90
C THR A 54 21.60 -19.93 -17.65
N GLN A 55 22.09 -21.17 -17.87
CA GLN A 55 22.46 -22.09 -16.79
C GLN A 55 23.96 -22.28 -16.74
N GLY A 56 24.70 -21.36 -17.34
CA GLY A 56 26.15 -21.41 -17.32
C GLY A 56 26.68 -22.68 -17.97
N ALA A 57 25.99 -23.14 -18.99
CA ALA A 57 26.25 -24.45 -19.63
C ALA A 57 25.74 -24.40 -21.07
N LEU A 58 26.28 -25.25 -21.93
CA LEU A 58 25.80 -25.40 -23.30
C LEU A 58 24.99 -26.65 -23.53
N LEU A 59 24.06 -26.57 -24.48
CA LEU A 59 23.34 -27.73 -24.92
C LEU A 59 24.25 -28.86 -25.39
N ASN A 60 23.82 -30.07 -25.05
CA ASN A 60 24.50 -31.30 -25.44
C ASN A 60 25.90 -31.45 -24.82
N ASP A 61 26.12 -30.78 -23.67
CA ASP A 61 27.29 -30.97 -22.85
C ASP A 61 26.87 -31.46 -21.48
N LYS A 62 27.77 -32.14 -20.80
CA LYS A 62 27.47 -32.68 -19.49
C LYS A 62 27.10 -31.67 -18.44
N HIS A 63 27.54 -30.42 -18.59
CA HIS A 63 27.14 -29.41 -17.63
C HIS A 63 25.66 -28.95 -17.73
N SER A 64 24.97 -29.38 -18.78
CA SER A 64 23.51 -29.21 -18.85
C SER A 64 22.73 -30.16 -17.90
N ASN A 65 23.41 -31.09 -17.25
CA ASN A 65 22.75 -31.98 -16.30
C ASN A 65 22.13 -31.21 -15.15
N GLY A 66 20.89 -31.53 -14.83
CA GLY A 66 20.27 -31.00 -13.65
C GLY A 66 19.68 -29.61 -13.82
N THR A 67 19.57 -29.16 -15.07
CA THR A 67 19.08 -27.81 -15.37
C THR A 67 17.57 -27.59 -15.23
N ILE A 68 16.84 -28.63 -14.80
CA ILE A 68 15.51 -28.41 -14.20
C ILE A 68 15.57 -27.45 -13.00
N LYS A 69 16.70 -27.40 -12.27
CA LYS A 69 16.83 -26.59 -11.08
C LYS A 69 16.74 -25.08 -11.37
N ASP A 70 15.92 -24.39 -10.59
CA ASP A 70 15.66 -22.98 -10.92
C ASP A 70 16.77 -22.01 -10.55
N ARG A 71 17.38 -22.19 -9.38
CA ARG A 71 18.28 -21.16 -8.83
C ARG A 71 19.62 -21.79 -8.47
N SER A 72 20.68 -21.14 -8.94
CA SER A 72 22.06 -21.56 -8.69
C SER A 72 22.95 -20.36 -8.87
N PRO A 73 24.20 -20.45 -8.39
CA PRO A 73 25.16 -19.35 -8.63
C PRO A 73 25.71 -19.27 -10.04
N TYR A 74 25.38 -20.22 -10.90
CA TYR A 74 25.88 -20.24 -12.29
C TYR A 74 24.99 -19.50 -13.25
N ARG A 75 23.74 -19.24 -12.86
CA ARG A 75 22.82 -18.60 -13.79
C ARG A 75 23.18 -17.11 -14.02
N THR A 76 23.14 -16.71 -15.29
CA THR A 76 23.42 -15.33 -15.66
C THR A 76 22.37 -14.82 -16.64
N LEU A 77 22.01 -13.55 -16.51
CA LEU A 77 21.18 -12.84 -17.45
C LEU A 77 22.13 -12.35 -18.59
N MET A 78 21.80 -12.73 -19.82
CA MET A 78 22.53 -12.30 -21.02
C MET A 78 21.52 -11.89 -22.06
N SER A 79 21.99 -11.33 -23.15
CA SER A 79 21.10 -10.90 -24.23
C SER A 79 21.74 -11.06 -25.58
N CYS A 80 20.91 -11.24 -26.60
CA CYS A 80 21.41 -11.29 -27.97
C CYS A 80 20.38 -10.64 -28.91
N PRO A 81 20.75 -10.41 -30.18
CA PRO A 81 19.75 -9.84 -31.08
C PRO A 81 18.56 -10.78 -31.30
N ILE A 82 17.38 -10.22 -31.50
CA ILE A 82 16.19 -11.01 -31.63
C ILE A 82 16.31 -12.00 -32.80
N GLY A 83 15.92 -13.22 -32.52
CA GLY A 83 15.87 -14.26 -33.52
C GLY A 83 17.16 -15.05 -33.72
N GLU A 84 18.24 -14.60 -33.10
CA GLU A 84 19.51 -15.31 -33.15
C GLU A 84 19.56 -16.30 -31.98
N VAL A 85 20.27 -17.39 -32.17
CA VAL A 85 20.42 -18.34 -31.05
C VAL A 85 21.29 -17.73 -29.95
N PRO A 86 20.98 -18.01 -28.67
CA PRO A 86 21.84 -17.48 -27.60
C PRO A 86 23.15 -18.28 -27.47
N SER A 87 24.24 -17.75 -27.97
CA SER A 87 25.53 -18.42 -27.94
C SER A 87 26.54 -17.60 -27.14
N PRO A 88 27.59 -18.25 -26.61
CA PRO A 88 28.69 -17.49 -26.05
C PRO A 88 29.36 -16.55 -27.06
N TYR A 89 29.16 -16.79 -28.35
CA TYR A 89 29.86 -16.00 -29.39
C TYR A 89 29.04 -14.80 -29.89
N ASN A 90 27.75 -14.71 -29.53
CA ASN A 90 26.95 -13.56 -29.94
C ASN A 90 26.18 -12.89 -28.78
N SER A 91 26.42 -13.30 -27.54
CA SER A 91 25.62 -12.81 -26.42
C SER A 91 26.38 -11.81 -25.49
N ARG A 92 25.70 -10.71 -25.17
CA ARG A 92 26.21 -9.69 -24.27
C ARG A 92 25.92 -10.13 -22.85
N PHE A 93 26.90 -10.02 -21.97
CA PHE A 93 26.70 -10.31 -20.54
C PHE A 93 26.00 -9.17 -19.85
N GLU A 94 24.92 -9.45 -19.11
CA GLU A 94 24.15 -8.41 -18.42
C GLU A 94 24.33 -8.45 -16.91
N SER A 95 24.09 -9.60 -16.27
CA SER A 95 24.07 -9.65 -14.80
C SER A 95 24.16 -11.08 -14.31
N VAL A 96 24.64 -11.28 -13.09
CA VAL A 96 24.51 -12.60 -12.46
C VAL A 96 23.06 -12.70 -11.90
N ALA A 97 22.30 -13.72 -12.29
CA ALA A 97 20.84 -13.70 -12.02
C ALA A 97 20.18 -15.07 -12.21
N TRP A 98 19.29 -15.38 -11.28
CA TRP A 98 18.29 -16.43 -11.43
C TRP A 98 16.85 -15.96 -11.49
N SER A 99 16.65 -14.61 -11.48
CA SER A 99 15.40 -13.94 -11.82
C SER A 99 15.77 -12.54 -12.33
N ALA A 100 15.01 -12.04 -13.28
CA ALA A 100 15.41 -10.82 -13.98
C ALA A 100 14.30 -10.05 -14.61
N SER A 101 14.63 -8.79 -14.92
CA SER A 101 13.84 -7.95 -15.76
C SER A 101 14.83 -6.99 -16.51
N ALA A 102 14.36 -6.33 -17.58
CA ALA A 102 15.18 -5.39 -18.30
C ALA A 102 14.27 -4.48 -19.13
N CYS A 103 14.71 -3.25 -19.38
CA CYS A 103 13.99 -2.29 -20.24
C CYS A 103 14.83 -1.09 -20.57
N HIS A 104 14.50 -0.43 -21.67
CA HIS A 104 15.29 0.71 -22.19
C HIS A 104 14.46 1.92 -22.06
N ASP A 105 14.97 2.96 -21.41
CA ASP A 105 14.18 4.19 -21.22
C ASP A 105 14.18 5.19 -22.36
N GLY A 106 14.90 4.86 -23.43
CA GLY A 106 15.15 5.76 -24.57
C GLY A 106 16.60 6.24 -24.62
N ILE A 107 17.28 6.17 -23.50
CA ILE A 107 18.66 6.60 -23.36
C ILE A 107 19.56 5.39 -23.11
N ASN A 108 19.26 4.59 -22.09
CA ASN A 108 20.13 3.42 -21.76
C ASN A 108 19.27 2.25 -21.29
N TRP A 109 19.90 1.08 -21.28
CA TRP A 109 19.33 -0.15 -20.71
C TRP A 109 19.39 -0.15 -19.18
N LEU A 110 18.26 -0.50 -18.58
CA LEU A 110 18.16 -0.94 -17.21
C LEU A 110 18.10 -2.50 -17.24
N THR A 111 18.92 -3.11 -16.44
CA THR A 111 18.77 -4.55 -16.16
C THR A 111 18.64 -4.72 -14.62
N ILE A 112 17.83 -5.69 -14.22
CA ILE A 112 17.67 -6.07 -12.83
C ILE A 112 17.94 -7.57 -12.76
N GLY A 113 18.94 -7.97 -11.97
CA GLY A 113 19.32 -9.38 -11.88
C GLY A 113 19.41 -9.75 -10.40
N ILE A 114 18.62 -10.76 -10.00
CA ILE A 114 18.61 -11.21 -8.63
C ILE A 114 19.46 -12.48 -8.47
N SER A 115 20.36 -12.48 -7.49
CA SER A 115 21.13 -13.68 -7.14
C SER A 115 21.28 -13.73 -5.63
N GLY A 116 22.02 -14.71 -5.17
CA GLY A 116 22.19 -14.92 -3.74
C GLY A 116 21.33 -16.08 -3.23
N PRO A 117 21.36 -16.26 -1.90
CA PRO A 117 20.64 -17.38 -1.28
C PRO A 117 19.13 -17.14 -1.23
N ASP A 118 18.36 -18.21 -1.13
CA ASP A 118 16.89 -18.09 -1.03
C ASP A 118 16.40 -17.24 0.13
N ASN A 119 17.17 -17.24 1.21
CA ASN A 119 16.77 -16.51 2.40
C ASN A 119 17.28 -15.08 2.49
N GLY A 120 17.92 -14.58 1.42
CA GLY A 120 18.46 -13.22 1.48
C GLY A 120 18.91 -12.71 0.14
N ALA A 121 18.09 -12.94 -0.90
CA ALA A 121 18.54 -12.65 -2.26
C ALA A 121 18.61 -11.11 -2.46
N VAL A 122 19.47 -10.70 -3.40
CA VAL A 122 19.68 -9.28 -3.72
C VAL A 122 19.48 -9.02 -5.18
N ALA A 123 18.59 -8.07 -5.54
CA ALA A 123 18.48 -7.55 -6.89
C ALA A 123 19.58 -6.51 -7.13
N VAL A 124 20.36 -6.68 -8.20
CA VAL A 124 21.39 -5.73 -8.61
C VAL A 124 20.85 -5.00 -9.84
N LEU A 125 20.72 -3.67 -9.73
CA LEU A 125 20.19 -2.85 -10.83
C LEU A 125 21.40 -2.24 -11.54
N LYS A 126 21.38 -2.28 -12.87
CA LYS A 126 22.45 -1.71 -13.70
C LYS A 126 21.80 -0.80 -14.72
N TYR A 127 22.42 0.39 -14.86
CA TYR A 127 22.05 1.30 -15.94
C TYR A 127 23.25 1.50 -16.82
N ASN A 128 23.06 1.27 -18.09
CA ASN A 128 24.18 1.24 -19.05
C ASN A 128 25.29 0.33 -18.57
N GLY A 129 24.95 -0.79 -17.97
CA GLY A 129 26.00 -1.78 -17.57
C GLY A 129 26.75 -1.48 -16.23
N ILE A 130 26.42 -0.38 -15.58
CA ILE A 130 27.06 0.04 -14.35
C ILE A 130 26.10 -0.12 -13.17
N ILE A 131 26.54 -0.71 -12.07
CA ILE A 131 25.68 -0.91 -10.90
C ILE A 131 25.23 0.42 -10.35
N THR A 132 23.94 0.57 -10.30
CA THR A 132 23.31 1.81 -9.80
C THR A 132 22.50 1.64 -8.51
N ASP A 133 22.10 0.44 -8.19
CA ASP A 133 21.31 0.26 -6.93
C ASP A 133 21.26 -1.20 -6.62
N THR A 134 20.88 -1.48 -5.37
CA THR A 134 20.51 -2.83 -4.96
C THR A 134 19.27 -2.82 -4.10
N ILE A 135 18.56 -3.93 -4.12
CA ILE A 135 17.50 -4.12 -3.15
C ILE A 135 17.48 -5.56 -2.66
N LYS A 136 17.43 -5.71 -1.35
CA LYS A 136 17.51 -7.00 -0.72
C LYS A 136 16.13 -7.49 -0.30
N SER A 137 15.97 -8.81 -0.30
CA SER A 137 14.78 -9.52 0.12
C SER A 137 14.27 -8.94 1.43
N TRP A 138 12.98 -8.64 1.49
CA TRP A 138 12.35 -8.09 2.68
C TRP A 138 11.51 -9.11 3.43
N ARG A 139 11.28 -10.29 2.86
CA ARG A 139 10.64 -11.41 3.60
C ARG A 139 11.49 -12.62 3.67
N ASN A 140 12.74 -12.55 3.18
CA ASN A 140 13.66 -13.69 3.25
C ASN A 140 13.12 -14.97 2.61
N ASN A 141 12.39 -14.85 1.51
CA ASN A 141 11.81 -16.05 0.88
C ASN A 141 11.67 -15.88 -0.64
N ILE A 142 12.84 -15.97 -1.29
CA ILE A 142 13.04 -15.96 -2.72
C ILE A 142 12.51 -14.67 -3.35
N LEU A 143 13.22 -13.58 -3.07
CA LEU A 143 12.95 -12.33 -3.79
C LEU A 143 13.02 -12.63 -5.28
N ARG A 144 12.03 -12.20 -6.01
CA ARG A 144 11.92 -12.56 -7.43
C ARG A 144 11.14 -11.51 -8.21
N THR A 145 11.34 -11.50 -9.55
CA THR A 145 10.73 -10.49 -10.42
C THR A 145 10.13 -11.05 -11.70
N GLN A 146 9.94 -10.15 -12.67
CA GLN A 146 9.04 -10.39 -13.81
C GLN A 146 9.38 -11.55 -14.72
N GLU A 147 10.66 -11.68 -15.06
CA GLU A 147 11.07 -12.51 -16.20
C GLU A 147 10.51 -12.00 -17.50
N SER A 148 10.23 -10.67 -17.59
CA SER A 148 9.94 -10.08 -18.87
C SER A 148 10.29 -8.59 -18.72
N GLU A 149 10.07 -7.80 -19.75
CA GLU A 149 10.50 -6.42 -19.71
C GLU A 149 9.76 -5.56 -18.70
N CYS A 150 10.51 -4.67 -18.03
CA CYS A 150 9.92 -3.59 -17.30
C CYS A 150 9.30 -2.56 -18.30
N ALA A 151 8.64 -1.55 -17.75
CA ALA A 151 7.90 -0.61 -18.56
C ALA A 151 8.32 0.77 -18.29
N CYS A 152 8.55 1.57 -19.34
CA CYS A 152 9.07 2.91 -19.12
C CYS A 152 8.15 4.00 -19.66
N VAL A 153 8.06 5.06 -18.90
CA VAL A 153 7.22 6.21 -19.27
C VAL A 153 7.97 7.49 -18.80
N ASN A 154 8.24 8.37 -19.73
CA ASN A 154 8.90 9.66 -19.47
C ASN A 154 10.11 9.58 -18.57
N GLY A 155 11.03 8.66 -18.84
CA GLY A 155 12.25 8.57 -18.05
C GLY A 155 12.17 7.75 -16.76
N SER A 156 10.99 7.19 -16.42
CA SER A 156 10.89 6.37 -15.29
C SER A 156 10.51 5.01 -15.83
N CYS A 157 11.12 4.02 -15.23
CA CYS A 157 10.79 2.62 -15.51
CA CYS A 157 10.82 2.61 -15.50
C CYS A 157 10.26 2.00 -14.23
N PHE A 158 9.40 1.01 -14.44
CA PHE A 158 8.56 0.41 -13.43
C PHE A 158 8.57 -1.12 -13.53
N THR A 159 8.62 -1.76 -12.36
CA THR A 159 8.64 -3.23 -12.23
C THR A 159 7.91 -3.65 -10.95
N VAL A 160 7.67 -4.94 -10.79
CA VAL A 160 7.00 -5.52 -9.67
C VAL A 160 7.90 -6.67 -9.21
N MET A 161 8.05 -6.78 -7.89
CA MET A 161 8.78 -7.91 -7.28
C MET A 161 7.93 -8.55 -6.19
N THR A 162 8.15 -9.86 -6.02
CA THR A 162 7.47 -10.64 -5.01
C THR A 162 8.47 -11.25 -4.03
N ASP A 163 8.06 -11.41 -2.78
CA ASP A 163 8.86 -12.07 -1.77
C ASP A 163 7.87 -12.77 -0.80
N GLY A 164 8.11 -14.05 -0.55
CA GLY A 164 7.21 -14.86 0.28
C GLY A 164 6.84 -16.16 -0.44
N PRO A 165 5.82 -16.86 0.08
CA PRO A 165 5.45 -18.17 -0.46
C PRO A 165 4.97 -18.15 -1.91
N ASN A 166 5.20 -19.24 -2.60
CA ASN A 166 4.64 -19.43 -3.94
C ASN A 166 3.32 -20.18 -3.93
N ASN A 167 2.86 -20.54 -2.72
CA ASN A 167 1.68 -21.39 -2.54
C ASN A 167 0.80 -20.88 -1.39
N GLY A 168 0.85 -19.57 -1.17
CA GLY A 168 0.09 -18.92 -0.17
C GLY A 168 0.27 -17.41 -0.25
N GLN A 169 -0.34 -16.71 0.68
CA GLN A 169 -0.18 -15.23 0.66
C GLN A 169 1.29 -14.81 0.69
N ALA A 170 1.67 -13.91 -0.21
CA ALA A 170 3.01 -13.35 -0.24
C ALA A 170 2.92 -11.78 -0.23
N SER A 171 4.07 -11.17 -0.45
CA SER A 171 4.28 -9.73 -0.39
C SER A 171 4.69 -9.28 -1.81
N TYR A 172 4.01 -8.25 -2.33
CA TYR A 172 4.20 -7.74 -3.69
C TYR A 172 4.49 -6.22 -3.60
N LYS A 173 5.56 -5.78 -4.25
CA LYS A 173 5.95 -4.37 -4.30
C LYS A 173 6.15 -3.84 -5.69
N ILE A 174 5.69 -2.59 -5.91
CA ILE A 174 5.87 -1.89 -7.17
C ILE A 174 7.02 -0.90 -7.01
N PHE A 175 7.89 -0.78 -8.03
CA PHE A 175 9.06 0.10 -7.97
C PHE A 175 9.09 1.08 -9.13
N ARG A 176 9.42 2.36 -8.81
CA ARG A 176 9.72 3.34 -9.84
C ARG A 176 11.24 3.59 -9.81
N ILE A 177 11.86 3.53 -10.97
CA ILE A 177 13.29 3.58 -11.14
C ILE A 177 13.65 4.62 -12.16
N GLU A 178 14.61 5.44 -11.81
CA GLU A 178 15.09 6.50 -12.71
C GLU A 178 16.63 6.41 -12.81
N LYS A 179 17.14 6.21 -14.03
CA LYS A 179 18.58 6.05 -14.29
C LYS A 179 19.15 4.94 -13.38
N GLY A 180 18.38 3.85 -13.26
CA GLY A 180 18.82 2.75 -12.42
C GLY A 180 18.71 2.87 -10.93
N LYS A 181 18.21 3.99 -10.41
CA LYS A 181 18.07 4.18 -8.95
C LYS A 181 16.59 4.06 -8.59
N ILE A 182 16.29 3.32 -7.55
CA ILE A 182 14.92 3.25 -7.06
C ILE A 182 14.62 4.62 -6.40
N VAL A 183 13.56 5.29 -6.89
CA VAL A 183 13.09 6.59 -6.36
C VAL A 183 11.79 6.51 -5.56
N LYS A 184 11.05 5.42 -5.69
CA LYS A 184 9.80 5.21 -4.98
C LYS A 184 9.48 3.68 -5.05
N SER A 185 8.83 3.22 -4.00
CA SER A 185 8.25 1.91 -3.99
C SER A 185 7.00 1.90 -3.07
N VAL A 186 6.14 0.94 -3.31
CA VAL A 186 4.99 0.76 -2.45
C VAL A 186 4.67 -0.73 -2.40
N GLU A 187 4.24 -1.19 -1.23
CA GLU A 187 3.74 -2.54 -1.09
C GLU A 187 2.26 -2.54 -1.50
N MET A 188 1.90 -3.45 -2.40
CA MET A 188 0.50 -3.64 -2.76
C MET A 188 -0.27 -4.29 -1.58
N ASN A 189 -1.41 -3.70 -1.25
CA ASN A 189 -2.35 -4.23 -0.23
C ASN A 189 -3.34 -5.16 -0.93
N ALA A 190 -2.94 -6.42 -1.09
CA ALA A 190 -3.71 -7.40 -1.91
C ALA A 190 -3.91 -8.71 -1.11
N PRO A 191 -4.57 -8.62 0.06
CA PRO A 191 -4.95 -9.84 0.74
C PRO A 191 -5.82 -10.71 -0.16
N ASN A 192 -5.49 -11.99 -0.18
CA ASN A 192 -6.17 -13.01 -0.97
C ASN A 192 -5.81 -13.01 -2.44
N TYR A 193 -4.87 -12.15 -2.85
CA TYR A 193 -4.34 -12.14 -4.22
C TYR A 193 -2.98 -12.78 -4.16
N HIS A 194 -2.51 -13.25 -5.33
CA HIS A 194 -1.20 -13.77 -5.51
C HIS A 194 -0.66 -13.28 -6.85
N TYR A 195 0.50 -12.62 -6.80
CA TYR A 195 1.20 -12.07 -7.99
C TYR A 195 2.60 -12.66 -8.16
N GLU A 196 2.82 -13.30 -9.29
CA GLU A 196 4.12 -13.77 -9.72
C GLU A 196 4.35 -13.34 -11.16
N GLU A 197 5.60 -13.10 -11.47
CA GLU A 197 6.03 -13.02 -12.88
C GLU A 197 5.20 -12.07 -13.76
N CYS A 198 5.08 -10.83 -13.31
CA CYS A 198 4.20 -9.89 -14.01
C CYS A 198 4.69 -9.49 -15.42
N SER A 199 3.77 -9.42 -16.36
CA SER A 199 4.01 -8.93 -17.70
C SER A 199 3.39 -7.53 -17.75
N CYS A 200 4.25 -6.50 -17.76
CA CYS A 200 3.82 -5.09 -17.68
C CYS A 200 4.13 -4.34 -18.95
N TYR A 201 3.24 -3.42 -19.28
CA TYR A 201 3.41 -2.59 -20.41
C TYR A 201 2.84 -1.22 -20.09
N PRO A 202 3.35 -0.21 -20.77
CA PRO A 202 2.79 1.15 -20.83
C PRO A 202 1.68 1.40 -21.80
N ASP A 203 0.77 2.27 -21.37
CA ASP A 203 -0.40 2.62 -22.17
C ASP A 203 -0.86 4.01 -21.64
N SER A 204 -0.76 5.06 -22.43
CA SER A 204 -1.32 6.33 -22.04
C SER A 204 -0.81 6.79 -20.67
N SER A 205 0.51 6.71 -20.48
CA SER A 205 1.28 7.16 -19.33
C SER A 205 1.14 6.34 -18.03
N GLU A 206 0.46 5.20 -18.09
CA GLU A 206 0.15 4.36 -16.95
C GLU A 206 0.58 2.95 -17.30
N ILE A 207 0.83 2.18 -16.26
CA ILE A 207 1.39 0.84 -16.45
C ILE A 207 0.30 -0.17 -16.10
N THR A 208 0.14 -1.20 -16.96
CA THR A 208 -0.74 -2.32 -16.67
C THR A 208 0.09 -3.59 -16.65
N CYS A 209 -0.08 -4.36 -15.60
CA CYS A 209 0.61 -5.67 -15.45
C CYS A 209 -0.39 -6.80 -15.32
N VAL A 210 -0.13 -7.90 -16.03
CA VAL A 210 -1.00 -9.12 -15.97
C VAL A 210 -0.03 -10.24 -15.59
N CYS A 211 -0.37 -10.94 -14.50
CA CYS A 211 0.58 -11.74 -13.72
C CYS A 211 0.07 -13.18 -13.54
N ARG A 212 0.70 -13.96 -12.68
CA ARG A 212 0.40 -15.35 -12.44
C ARG A 212 0.05 -15.50 -10.95
N ASP A 213 -1.14 -16.02 -10.66
CA ASP A 213 -1.53 -16.43 -9.31
C ASP A 213 -1.17 -17.92 -9.18
N ASN A 214 -0.13 -18.21 -8.41
CA ASN A 214 0.36 -19.58 -8.19
C ASN A 214 -0.29 -20.30 -7.00
N TRP A 215 -1.13 -19.57 -6.27
CA TRP A 215 -1.71 -20.00 -4.99
C TRP A 215 -3.10 -20.61 -5.27
N HIS A 216 -4.01 -19.85 -5.84
CA HIS A 216 -5.45 -20.27 -5.90
C HIS A 216 -6.28 -19.57 -6.93
N GLY A 217 -5.66 -19.27 -8.09
CA GLY A 217 -6.33 -18.60 -9.18
C GLY A 217 -5.98 -19.16 -10.53
N SER A 218 -6.99 -19.55 -11.33
CA SER A 218 -6.77 -20.05 -12.71
C SER A 218 -7.07 -18.97 -13.77
N ASN A 219 -7.57 -17.84 -13.28
CA ASN A 219 -7.58 -16.60 -14.05
C ASN A 219 -6.37 -15.79 -13.57
N ARG A 220 -6.01 -14.77 -14.33
CA ARG A 220 -4.85 -13.93 -14.05
C ARG A 220 -5.17 -12.69 -13.26
N PRO A 221 -4.39 -12.44 -12.22
CA PRO A 221 -4.45 -11.14 -11.54
C PRO A 221 -3.78 -10.01 -12.32
N TRP A 222 -4.24 -8.79 -12.09
CA TRP A 222 -3.66 -7.62 -12.72
C TRP A 222 -3.45 -6.56 -11.68
N VAL A 223 -2.50 -5.69 -12.00
CA VAL A 223 -2.29 -4.46 -11.23
C VAL A 223 -1.96 -3.39 -12.24
N SER A 224 -2.57 -2.23 -12.04
CA SER A 224 -2.29 -1.08 -12.88
C SER A 224 -1.96 0.11 -11.97
N PHE A 225 -1.15 0.99 -12.50
CA PHE A 225 -0.69 2.14 -11.74
C PHE A 225 -0.20 3.31 -12.58
N ASN A 226 -0.25 4.50 -11.98
CA ASN A 226 0.33 5.70 -12.56
C ASN A 226 1.75 5.91 -12.12
N GLN A 227 2.35 7.03 -12.53
CA GLN A 227 3.77 7.25 -12.27
C GLN A 227 4.02 7.49 -10.78
N ASN A 228 2.99 7.91 -10.03
CA ASN A 228 3.15 8.07 -8.58
C ASN A 228 2.89 6.77 -7.80
N LEU A 229 2.69 5.69 -8.53
CA LEU A 229 2.46 4.34 -7.97
C LEU A 229 1.13 4.26 -7.24
N GLU A 230 0.16 5.11 -7.61
CA GLU A 230 -1.23 4.92 -7.17
C GLU A 230 -1.77 3.78 -7.98
N TYR A 231 -2.09 2.64 -7.34
CA TYR A 231 -2.47 1.46 -8.04
C TYR A 231 -3.97 1.04 -7.90
N GLN A 232 -4.39 0.17 -8.82
CA GLN A 232 -5.63 -0.58 -8.71
C GLN A 232 -5.28 -2.07 -8.97
N ILE A 233 -6.06 -2.94 -8.38
CA ILE A 233 -5.89 -4.39 -8.49
C ILE A 233 -7.22 -5.07 -8.85
N GLY A 234 -7.11 -6.23 -9.46
CA GLY A 234 -8.26 -7.04 -9.82
C GLY A 234 -7.78 -8.36 -10.42
N TYR A 235 -8.73 -9.16 -10.89
CA TYR A 235 -8.47 -10.35 -11.73
C TYR A 235 -9.23 -10.20 -13.01
N ILE A 236 -8.66 -10.71 -14.10
CA ILE A 236 -9.37 -10.76 -15.39
C ILE A 236 -10.67 -11.60 -15.22
N CYS A 237 -11.81 -11.03 -15.58
CA CYS A 237 -13.12 -11.62 -15.23
C CYS A 237 -13.55 -12.70 -16.22
N SER A 238 -12.98 -12.71 -17.43
CA SER A 238 -13.40 -13.64 -18.48
C SER A 238 -13.41 -15.07 -18.03
N GLY A 239 -14.44 -15.80 -18.48
CA GLY A 239 -14.52 -17.23 -18.34
C GLY A 239 -13.61 -17.98 -19.28
N ILE A 240 -12.95 -17.24 -20.16
CA ILE A 240 -11.84 -17.76 -20.98
C ILE A 240 -10.61 -17.67 -20.09
N PHE A 241 -10.42 -18.70 -19.27
CA PHE A 241 -9.39 -18.62 -18.22
C PHE A 241 -7.99 -18.57 -18.87
N GLY A 242 -7.14 -17.75 -18.27
CA GLY A 242 -5.84 -17.50 -18.85
C GLY A 242 -4.62 -18.27 -18.32
N ASP A 243 -4.72 -18.86 -17.14
CA ASP A 243 -3.60 -19.56 -16.53
C ASP A 243 -3.51 -21.00 -17.06
N ASN A 244 -2.44 -21.65 -16.68
CA ASN A 244 -2.19 -23.08 -16.93
C ASN A 244 -1.58 -23.64 -15.68
N PRO A 245 -2.22 -24.59 -14.95
CA PRO A 245 -3.48 -25.24 -15.34
C PRO A 245 -4.71 -24.38 -15.12
N ARG A 246 -5.86 -24.86 -15.55
CA ARG A 246 -7.12 -24.15 -15.44
C ARG A 246 -8.23 -25.15 -15.67
N PRO A 247 -9.49 -24.74 -15.42
CA PRO A 247 -10.61 -25.60 -15.86
C PRO A 247 -10.96 -25.36 -17.29
N ASN A 248 -11.89 -26.16 -17.82
CA ASN A 248 -12.54 -25.81 -19.08
C ASN A 248 -13.23 -24.43 -18.92
N ASP A 249 -13.35 -23.70 -20.02
CA ASP A 249 -13.97 -22.39 -19.98
C ASP A 249 -15.43 -22.51 -19.47
N LYS A 250 -15.82 -21.59 -18.60
CA LYS A 250 -17.15 -21.51 -18.04
C LYS A 250 -17.30 -20.12 -17.42
N THR A 251 -18.36 -19.84 -16.69
CA THR A 251 -18.52 -18.54 -16.07
C THR A 251 -17.34 -18.23 -15.16
N GLY A 252 -16.79 -17.04 -15.37
CA GLY A 252 -15.61 -16.59 -14.66
C GLY A 252 -15.90 -15.79 -13.39
N SER A 253 -14.88 -15.11 -12.92
CA SER A 253 -14.92 -14.34 -11.67
C SER A 253 -13.99 -13.17 -11.74
N CYS A 254 -14.44 -12.07 -11.13
N CYS A 254 -14.39 -12.03 -11.15
CA CYS A 254 -13.60 -10.91 -10.94
CA CYS A 254 -13.42 -10.94 -10.93
C CYS A 254 -12.65 -11.06 -9.70
C CYS A 254 -12.53 -11.10 -9.71
N GLY A 255 -12.73 -12.17 -8.97
CA GLY A 255 -11.71 -12.60 -8.00
C GLY A 255 -11.02 -13.87 -8.48
N PRO A 256 -10.11 -14.41 -7.66
CA PRO A 256 -9.39 -15.61 -8.07
C PRO A 256 -10.30 -16.84 -8.19
N VAL A 257 -10.19 -17.50 -9.32
CA VAL A 257 -10.95 -18.71 -9.63
C VAL A 257 -10.19 -19.86 -9.00
N SER A 258 -10.77 -20.45 -7.96
CA SER A 258 -10.12 -21.52 -7.19
C SER A 258 -9.92 -22.85 -7.94
N SER A 259 -10.83 -23.21 -8.82
CA SER A 259 -10.73 -24.49 -9.54
C SER A 259 -9.45 -24.52 -10.39
N ASN A 260 -8.63 -25.53 -10.12
CA ASN A 260 -7.33 -25.71 -10.77
C ASN A 260 -6.39 -24.49 -10.58
N GLY A 261 -6.56 -23.79 -9.46
CA GLY A 261 -5.94 -22.48 -9.30
C GLY A 261 -4.50 -22.56 -8.87
N ALA A 262 -4.14 -23.62 -8.16
CA ALA A 262 -2.76 -23.75 -7.71
C ALA A 262 -1.84 -23.97 -8.91
N ASN A 263 -0.58 -23.58 -8.71
CA ASN A 263 0.44 -23.63 -9.78
C ASN A 263 0.00 -22.63 -10.85
N GLY A 264 0.64 -22.65 -12.01
CA GLY A 264 0.42 -21.60 -12.98
C GLY A 264 1.57 -21.57 -14.00
N VAL A 265 1.52 -20.57 -14.87
CA VAL A 265 2.58 -20.33 -15.87
C VAL A 265 2.65 -18.81 -16.02
N LYS A 266 3.84 -18.28 -16.27
CA LYS A 266 3.90 -16.86 -16.64
C LYS A 266 3.14 -16.64 -17.95
N GLY A 267 2.39 -15.55 -18.00
CA GLY A 267 1.69 -15.12 -19.17
C GLY A 267 1.41 -13.64 -19.22
N PHE A 268 0.51 -13.25 -20.11
CA PHE A 268 0.22 -11.86 -20.35
C PHE A 268 -1.21 -11.69 -20.89
N SER A 269 -1.66 -10.44 -20.95
CA SER A 269 -2.86 -10.06 -21.74
C SER A 269 -2.78 -8.57 -21.95
N PHE A 270 -3.46 -8.11 -22.98
CA PHE A 270 -3.55 -6.69 -23.30
C PHE A 270 -5.00 -6.22 -23.16
N LYS A 271 -5.17 -5.20 -22.31
CA LYS A 271 -6.43 -4.60 -22.02
C LYS A 271 -6.76 -3.51 -23.03
N TYR A 272 -8.00 -3.57 -23.60
CA TYR A 272 -8.58 -2.52 -24.46
C TYR A 272 -10.01 -2.22 -23.95
N GLY A 273 -10.07 -1.24 -23.04
CA GLY A 273 -11.29 -0.95 -22.28
C GLY A 273 -11.82 -2.16 -21.54
N ASN A 274 -13.04 -2.60 -21.89
CA ASN A 274 -13.65 -3.78 -21.30
C ASN A 274 -13.14 -5.06 -21.93
N GLY A 275 -12.42 -4.94 -23.04
CA GLY A 275 -12.00 -6.10 -23.83
C GLY A 275 -10.58 -6.51 -23.48
N VAL A 276 -10.21 -7.70 -23.96
CA VAL A 276 -8.88 -8.23 -23.68
C VAL A 276 -8.40 -9.11 -24.77
N TRP A 277 -7.12 -8.95 -25.15
CA TRP A 277 -6.41 -9.93 -25.93
C TRP A 277 -5.65 -10.90 -24.96
N ILE A 278 -6.08 -12.19 -24.91
CA ILE A 278 -5.54 -13.19 -23.97
C ILE A 278 -4.65 -14.10 -24.80
N GLY A 279 -3.39 -14.25 -24.40
CA GLY A 279 -2.52 -15.34 -24.87
C GLY A 279 -2.59 -16.48 -23.84
N ARG A 280 -2.79 -17.71 -24.28
CA ARG A 280 -2.80 -18.82 -23.36
C ARG A 280 -2.35 -20.09 -24.04
N THR A 281 -2.01 -21.08 -23.22
CA THR A 281 -1.80 -22.46 -23.73
C THR A 281 -3.12 -22.98 -24.34
N LYS A 282 -3.00 -24.01 -25.19
CA LYS A 282 -4.20 -24.72 -25.67
C LYS A 282 -4.68 -25.78 -24.71
N SER A 283 -3.76 -26.48 -24.07
CA SER A 283 -4.10 -27.49 -23.09
C SER A 283 -4.55 -26.81 -21.78
N ILE A 284 -5.63 -27.31 -21.18
CA ILE A 284 -6.00 -26.82 -19.85
C ILE A 284 -5.12 -27.31 -18.69
N SER A 285 -4.39 -28.40 -18.89
CA SER A 285 -3.64 -29.06 -17.83
C SER A 285 -2.12 -29.04 -17.93
N SER A 286 -1.59 -28.78 -19.12
CA SER A 286 -0.16 -28.88 -19.41
C SER A 286 0.37 -27.71 -20.27
N ARG A 287 1.67 -27.50 -20.24
CA ARG A 287 2.27 -26.42 -21.06
C ARG A 287 2.41 -26.87 -22.49
N ASN A 288 1.27 -26.95 -23.18
CA ASN A 288 1.17 -27.38 -24.56
C ASN A 288 0.29 -26.45 -25.38
N GLY A 289 0.76 -26.10 -26.57
CA GLY A 289 0.02 -25.25 -27.47
C GLY A 289 0.04 -23.78 -27.08
N PHE A 290 -0.39 -22.94 -27.98
CA PHE A 290 -0.58 -21.51 -27.68
C PHE A 290 -1.54 -20.87 -28.67
N GLU A 291 -2.30 -19.90 -28.16
CA GLU A 291 -3.35 -19.26 -28.94
C GLU A 291 -3.56 -17.85 -28.43
N MET A 292 -4.02 -16.98 -29.32
CA MET A 292 -4.48 -15.67 -28.97
C MET A 292 -5.97 -15.54 -29.15
N ILE A 293 -6.63 -15.00 -28.12
CA ILE A 293 -8.08 -14.86 -28.12
C ILE A 293 -8.42 -13.41 -27.83
N TRP A 294 -9.32 -12.84 -28.65
CA TRP A 294 -9.90 -11.53 -28.43
C TRP A 294 -11.28 -11.74 -27.84
N ASP A 295 -11.45 -11.25 -26.63
CA ASP A 295 -12.75 -11.25 -25.92
C ASP A 295 -13.13 -9.80 -25.69
N PRO A 296 -14.12 -9.25 -26.45
CA PRO A 296 -14.46 -7.85 -26.36
C PRO A 296 -15.00 -7.36 -25.01
N ASN A 297 -15.46 -8.25 -24.14
CA ASN A 297 -15.86 -7.84 -22.80
C ASN A 297 -15.15 -8.62 -21.67
N GLY A 298 -14.02 -9.27 -21.99
CA GLY A 298 -13.38 -10.23 -21.08
C GLY A 298 -12.59 -9.59 -19.93
N TRP A 299 -12.27 -8.30 -19.97
CA TRP A 299 -11.58 -7.72 -18.84
C TRP A 299 -12.49 -7.62 -17.63
N THR A 300 -13.74 -7.22 -17.88
CA THR A 300 -14.70 -6.96 -16.80
C THR A 300 -15.89 -7.91 -16.73
N GLY A 301 -16.15 -8.66 -17.78
CA GLY A 301 -17.29 -9.53 -17.89
C GLY A 301 -16.90 -11.00 -17.70
N THR A 302 -17.80 -11.78 -17.09
CA THR A 302 -17.52 -13.16 -16.71
C THR A 302 -17.97 -14.25 -17.67
N ASP A 303 -18.62 -13.91 -18.80
CA ASP A 303 -19.04 -15.01 -19.70
C ASP A 303 -17.84 -15.65 -20.33
N ASN A 304 -18.07 -16.81 -20.92
CA ASN A 304 -17.03 -17.52 -21.68
C ASN A 304 -17.26 -17.42 -23.18
N ASN A 305 -17.80 -16.30 -23.67
CA ASN A 305 -17.88 -16.06 -25.10
C ASN A 305 -16.66 -15.22 -25.52
N PHE A 306 -16.21 -15.44 -26.74
CA PHE A 306 -15.12 -14.65 -27.34
C PHE A 306 -15.34 -14.59 -28.81
N SER A 307 -14.67 -13.64 -29.46
CA SER A 307 -14.96 -13.33 -30.86
C SER A 307 -13.90 -13.73 -31.90
N ILE A 308 -12.61 -13.74 -31.55
CA ILE A 308 -11.50 -14.15 -32.46
C ILE A 308 -10.57 -15.09 -31.71
N LYS A 309 -10.18 -16.18 -32.36
CA LYS A 309 -9.07 -16.98 -31.90
C LYS A 309 -8.06 -17.12 -33.05
N GLN A 310 -6.78 -16.96 -32.71
CA GLN A 310 -5.69 -17.21 -33.65
C GLN A 310 -4.74 -18.26 -33.10
N ASP A 311 -4.52 -19.34 -33.83
CA ASP A 311 -3.60 -20.39 -33.44
C ASP A 311 -2.13 -19.94 -33.58
N ILE A 312 -1.34 -20.30 -32.59
CA ILE A 312 0.11 -19.97 -32.51
C ILE A 312 1.02 -21.20 -32.43
N VAL A 313 0.72 -22.13 -31.53
CA VAL A 313 1.41 -23.42 -31.40
C VAL A 313 0.35 -24.50 -31.22
N GLY A 314 0.46 -25.61 -31.94
CA GLY A 314 -0.54 -26.67 -31.86
C GLY A 314 -0.60 -27.36 -30.50
N ILE A 315 -1.79 -27.88 -30.17
CA ILE A 315 -2.04 -28.47 -28.87
C ILE A 315 -1.11 -29.64 -28.57
N ASN A 316 -0.58 -30.34 -29.58
CA ASN A 316 0.33 -31.42 -29.27
C ASN A 316 1.79 -31.02 -29.12
N GLU A 317 2.09 -29.74 -29.20
CA GLU A 317 3.47 -29.26 -29.15
C GLU A 317 3.74 -28.55 -27.84
N TRP A 318 5.00 -28.59 -27.41
CA TRP A 318 5.41 -27.95 -26.18
C TRP A 318 5.40 -26.41 -26.29
N SER A 319 4.84 -25.79 -25.27
CA SER A 319 4.96 -24.31 -25.12
C SER A 319 5.60 -24.02 -23.76
N GLY A 320 5.17 -22.98 -23.06
CA GLY A 320 5.87 -22.59 -21.85
C GLY A 320 5.45 -21.18 -21.46
N TYR A 321 6.40 -20.42 -20.96
CA TYR A 321 6.14 -19.01 -20.58
C TYR A 321 5.78 -18.19 -21.81
N SER A 322 5.09 -17.08 -21.58
CA SER A 322 4.89 -16.07 -22.58
C SER A 322 4.92 -14.69 -21.84
N GLY A 323 5.14 -13.64 -22.61
CA GLY A 323 5.15 -12.31 -22.06
C GLY A 323 4.90 -11.28 -23.10
N SER A 324 4.45 -10.14 -22.63
CA SER A 324 4.29 -9.00 -23.49
C SER A 324 5.62 -8.30 -23.77
N PHE A 325 5.70 -7.66 -24.92
CA PHE A 325 6.70 -6.58 -25.12
C PHE A 325 6.06 -5.54 -26.00
N VAL A 326 6.53 -4.29 -25.94
CA VAL A 326 5.99 -3.19 -26.80
C VAL A 326 7.05 -2.56 -27.71
N GLN A 327 6.59 -1.92 -28.81
CA GLN A 327 7.43 -1.16 -29.57
C GLN A 327 6.83 0.24 -29.58
N HIS A 328 7.66 1.17 -29.05
CA HIS A 328 7.27 2.51 -28.85
C HIS A 328 7.26 3.24 -30.22
N PRO A 329 6.50 4.30 -30.31
CA PRO A 329 6.55 5.16 -31.51
C PRO A 329 7.94 5.72 -31.86
N GLU A 330 8.80 5.91 -30.87
CA GLU A 330 10.16 6.34 -31.12
C GLU A 330 10.99 5.32 -31.92
N LEU A 331 10.58 4.05 -31.85
CA LEU A 331 11.12 2.98 -32.72
C LEU A 331 10.43 2.79 -34.06
N THR A 332 9.10 2.80 -34.08
CA THR A 332 8.32 2.40 -35.22
C THR A 332 7.92 3.58 -36.12
N GLY A 333 7.87 4.77 -35.53
CA GLY A 333 7.22 5.90 -36.19
C GLY A 333 5.70 5.99 -36.29
N LEU A 334 5.01 5.13 -35.55
CA LEU A 334 3.59 5.07 -35.48
C LEU A 334 3.15 6.09 -34.45
N ASP A 335 1.83 6.23 -34.31
CA ASP A 335 1.25 7.20 -33.34
C ASP A 335 0.69 6.55 -32.10
N CYS A 336 1.07 5.29 -31.87
CA CYS A 336 0.56 4.51 -30.79
C CYS A 336 1.70 3.50 -30.33
N ILE A 337 1.54 2.91 -29.16
CA ILE A 337 2.45 1.90 -28.63
C ILE A 337 1.97 0.53 -29.18
N ARG A 338 2.84 -0.16 -29.90
CA ARG A 338 2.48 -1.42 -30.56
C ARG A 338 2.66 -2.59 -29.61
N PRO A 339 1.58 -3.34 -29.33
CA PRO A 339 1.72 -4.51 -28.51
C PRO A 339 2.29 -5.67 -29.33
N CYS A 340 3.21 -6.43 -28.71
CA CYS A 340 3.86 -7.64 -29.22
C CYS A 340 3.91 -8.67 -28.13
N PHE A 341 4.24 -9.93 -28.51
CA PHE A 341 4.44 -10.97 -27.45
C PHE A 341 5.43 -12.06 -27.88
N TRP A 342 5.97 -12.74 -26.90
CA TRP A 342 6.85 -13.85 -27.12
C TRP A 342 6.34 -15.11 -26.35
N VAL A 343 6.74 -16.26 -26.87
CA VAL A 343 6.42 -17.56 -26.29
C VAL A 343 7.73 -18.35 -26.14
N GLU A 344 7.95 -18.88 -24.95
CA GLU A 344 9.03 -19.81 -24.63
C GLU A 344 8.52 -21.21 -24.91
N LEU A 345 9.28 -21.96 -25.71
CA LEU A 345 8.96 -23.37 -26.07
C LEU A 345 9.93 -24.24 -25.27
N ILE A 346 9.46 -24.77 -24.17
CA ILE A 346 10.29 -25.50 -23.20
C ILE A 346 10.48 -26.95 -23.64
N ARG A 347 11.75 -27.38 -23.66
CA ARG A 347 12.10 -28.77 -24.03
C ARG A 347 12.86 -29.40 -22.90
N GLY A 348 12.69 -30.71 -22.73
CA GLY A 348 13.41 -31.44 -21.72
C GLY A 348 12.56 -31.75 -20.50
N ARG A 349 13.20 -31.77 -19.34
CA ARG A 349 12.50 -32.09 -18.11
C ARG A 349 11.45 -30.99 -17.75
N PRO A 350 10.36 -31.34 -17.08
CA PRO A 350 10.07 -32.68 -16.52
C PRO A 350 9.38 -33.64 -17.50
N LYS A 351 8.91 -33.13 -18.64
CA LYS A 351 8.01 -33.90 -19.48
C LYS A 351 8.70 -34.85 -20.43
N GLU A 352 10.00 -34.66 -20.66
CA GLU A 352 10.74 -35.46 -21.62
C GLU A 352 11.95 -36.06 -20.96
N ASN A 353 12.44 -37.18 -21.50
CA ASN A 353 13.45 -37.99 -20.78
C ASN A 353 14.87 -37.56 -21.13
N THR A 354 15.24 -36.40 -20.59
CA THR A 354 16.55 -35.81 -20.83
C THR A 354 17.17 -35.49 -19.49
N ILE A 355 18.46 -35.19 -19.49
CA ILE A 355 19.12 -34.70 -18.29
C ILE A 355 18.94 -33.19 -18.07
N TRP A 356 18.40 -32.51 -19.07
CA TRP A 356 18.43 -31.04 -19.12
C TRP A 356 17.04 -30.49 -19.38
N THR A 357 16.90 -29.17 -19.23
CA THR A 357 15.74 -28.42 -19.60
C THR A 357 16.23 -27.11 -20.29
N SER A 358 15.63 -26.77 -21.44
CA SER A 358 16.03 -25.52 -22.13
C SER A 358 14.88 -25.06 -22.98
N GLY A 359 14.95 -23.84 -23.48
CA GLY A 359 13.84 -23.36 -24.31
C GLY A 359 14.32 -22.70 -25.57
N SER A 360 13.46 -22.67 -26.59
CA SER A 360 13.62 -21.78 -27.74
C SER A 360 12.47 -20.74 -27.69
N SER A 361 12.41 -19.85 -28.67
CA SER A 361 11.41 -18.83 -28.61
C SER A 361 10.86 -18.46 -29.98
N ILE A 362 9.64 -17.94 -29.93
CA ILE A 362 8.96 -17.31 -31.06
C ILE A 362 8.40 -15.96 -30.56
N SER A 363 8.20 -15.02 -31.47
CA SER A 363 7.52 -13.76 -31.18
C SER A 363 6.69 -13.26 -32.33
N PHE A 364 5.71 -12.42 -31.99
CA PHE A 364 4.67 -11.89 -32.88
C PHE A 364 4.44 -10.41 -32.55
N CYS A 365 4.01 -9.61 -33.53
CA CYS A 365 3.64 -8.22 -33.31
C CYS A 365 2.24 -8.01 -33.74
N GLY A 366 1.51 -7.14 -33.05
CA GLY A 366 0.12 -6.84 -33.33
C GLY A 366 0.00 -5.98 -34.58
N VAL A 367 -0.91 -6.33 -35.50
CA VAL A 367 -1.17 -5.60 -36.72
C VAL A 367 -2.70 -5.46 -36.98
N ASN A 368 -3.07 -4.52 -37.83
CA ASN A 368 -4.45 -4.48 -38.37
C ASN A 368 -4.64 -4.99 -39.78
N SER A 369 -3.60 -5.59 -40.33
CA SER A 369 -3.66 -6.12 -41.66
C SER A 369 -3.86 -7.64 -41.54
N ASP A 370 -3.85 -8.35 -42.63
CA ASP A 370 -4.26 -9.76 -42.61
C ASP A 370 -3.22 -10.65 -41.90
N THR A 371 -3.73 -11.64 -41.19
CA THR A 371 -2.89 -12.60 -40.46
C THR A 371 -3.42 -14.02 -40.63
N VAL A 372 -2.70 -14.99 -40.08
CA VAL A 372 -3.13 -16.38 -40.15
C VAL A 372 -2.68 -17.14 -38.96
N GLY A 373 -3.52 -18.08 -38.55
CA GLY A 373 -3.12 -19.09 -37.56
C GLY A 373 -2.27 -20.22 -38.15
N TRP A 374 -1.37 -20.75 -37.34
CA TRP A 374 -0.60 -21.92 -37.69
C TRP A 374 0.00 -22.51 -36.44
N SER A 375 1.02 -23.34 -36.59
CA SER A 375 1.82 -23.81 -35.47
C SER A 375 3.29 -23.64 -35.79
N TRP A 376 3.98 -22.93 -34.88
CA TRP A 376 5.41 -22.72 -35.04
C TRP A 376 6.12 -23.27 -33.83
N PRO A 377 6.28 -24.59 -33.77
CA PRO A 377 6.80 -25.17 -32.55
C PRO A 377 8.31 -25.22 -32.51
N ASP A 378 8.83 -25.76 -31.42
CA ASP A 378 10.29 -25.81 -31.22
C ASP A 378 11.01 -26.61 -32.31
N GLY A 379 10.53 -27.85 -32.53
CA GLY A 379 11.01 -28.69 -33.62
C GLY A 379 12.24 -29.56 -33.38
N ALA A 380 12.83 -29.52 -32.20
CA ALA A 380 13.95 -30.39 -31.92
C ALA A 380 13.46 -31.84 -31.70
N GLU A 381 14.32 -32.77 -32.06
CA GLU A 381 14.12 -34.20 -31.82
C GLU A 381 14.89 -34.61 -30.56
N LEU A 382 14.14 -34.92 -29.49
CA LEU A 382 14.71 -35.37 -28.19
C LEU A 382 14.53 -36.88 -28.06
N PRO A 383 15.36 -37.55 -27.28
CA PRO A 383 16.52 -36.97 -26.58
C PRO A 383 17.71 -36.64 -27.50
N PHE A 384 18.72 -36.02 -26.90
CA PHE A 384 19.95 -35.62 -27.57
C PHE A 384 21.08 -36.61 -27.24
N THR A 385 22.23 -36.49 -27.94
CA THR A 385 23.42 -37.32 -27.71
CA THR A 385 23.34 -37.41 -27.72
C THR A 385 23.82 -37.46 -26.25
N ILE A 386 23.74 -36.35 -25.50
CA ILE A 386 24.17 -36.34 -24.11
C ILE A 386 23.27 -37.13 -23.15
N ASP A 387 22.01 -37.41 -23.54
CA ASP A 387 21.00 -37.98 -22.66
C ASP A 387 21.04 -39.54 -22.57
N SER B 1 2.17 -9.19 35.34
CA SER B 1 2.53 -8.19 34.17
C SER B 1 2.41 -8.83 32.76
N VAL B 2 1.35 -8.50 32.02
CA VAL B 2 0.92 -9.28 30.88
C VAL B 2 0.48 -8.35 29.76
N LYS B 3 0.76 -8.74 28.52
CA LYS B 3 0.33 -7.93 27.36
C LYS B 3 -1.17 -7.90 27.29
N LEU B 4 -1.72 -6.74 26.89
CA LEU B 4 -3.12 -6.60 26.58
C LEU B 4 -3.53 -7.50 25.40
N ALA B 5 -4.64 -8.19 25.55
CA ALA B 5 -5.05 -9.16 24.51
C ALA B 5 -5.61 -8.37 23.32
N GLY B 6 -6.51 -7.44 23.59
CA GLY B 6 -7.13 -6.67 22.55
C GLY B 6 -8.06 -7.43 21.61
N ASN B 7 -8.57 -8.57 22.07
CA ASN B 7 -9.36 -9.45 21.25
C ASN B 7 -10.87 -9.48 21.46
N SER B 8 -11.36 -8.74 22.46
CA SER B 8 -12.78 -8.63 22.75
C SER B 8 -13.32 -7.46 21.95
N SER B 9 -14.64 -7.38 21.84
CA SER B 9 -15.29 -6.34 21.05
C SER B 9 -15.47 -5.08 21.90
N LEU B 10 -15.76 -3.97 21.24
CA LEU B 10 -16.17 -2.75 21.93
C LEU B 10 -17.45 -2.96 22.72
N CYS B 11 -17.49 -2.39 23.90
CA CYS B 11 -18.67 -2.50 24.77
C CYS B 11 -19.82 -1.70 24.15
N PRO B 12 -21.06 -2.24 24.28
CA PRO B 12 -22.22 -1.51 23.83
C PRO B 12 -22.45 -0.36 24.81
N VAL B 13 -22.75 0.85 24.27
CA VAL B 13 -22.96 2.09 25.10
C VAL B 13 -24.22 2.89 24.71
N SER B 14 -24.97 3.29 25.71
CA SER B 14 -26.18 4.04 25.51
C SER B 14 -25.88 5.50 25.76
N GLY B 15 -24.74 5.81 26.40
CA GLY B 15 -24.53 7.21 26.79
C GLY B 15 -23.18 7.30 27.47
N TRP B 16 -22.78 8.53 27.83
CA TRP B 16 -21.45 8.86 28.26
C TRP B 16 -21.48 9.52 29.63
N ALA B 17 -20.75 8.92 30.56
CA ALA B 17 -20.66 9.38 31.95
C ALA B 17 -19.39 10.20 32.15
N ILE B 18 -19.48 11.37 32.78
CA ILE B 18 -18.32 12.20 32.91
C ILE B 18 -17.25 11.50 33.77
N TYR B 19 -16.01 11.57 33.30
CA TYR B 19 -14.89 10.86 33.95
C TYR B 19 -13.87 11.81 34.56
N SER B 20 -13.50 12.86 33.83
CA SER B 20 -12.56 13.85 34.37
C SER B 20 -12.75 15.26 33.88
N LYS B 21 -12.22 16.20 34.65
CA LYS B 21 -12.14 17.61 34.23
C LYS B 21 -10.97 18.22 34.98
N ASP B 22 -10.03 18.87 34.27
CA ASP B 22 -8.80 19.33 34.94
C ASP B 22 -8.83 20.82 35.31
N ASN B 23 -9.67 21.62 34.66
CA ASN B 23 -9.76 23.07 34.98
C ASN B 23 -8.39 23.76 34.86
N SER B 24 -7.58 23.33 33.89
CA SER B 24 -6.19 23.75 33.82
C SER B 24 -6.00 25.25 33.65
N VAL B 25 -6.82 25.85 32.79
CA VAL B 25 -6.65 27.25 32.45
C VAL B 25 -7.10 28.11 33.63
N ARG B 26 -8.24 27.79 34.25
CA ARG B 26 -8.67 28.45 35.50
C ARG B 26 -7.59 28.44 36.57
N ILE B 27 -7.02 27.25 36.80
CA ILE B 27 -6.00 27.11 37.83
C ILE B 27 -4.72 27.84 37.46
N GLY B 28 -4.37 27.83 36.18
CA GLY B 28 -3.14 28.42 35.69
C GLY B 28 -3.12 29.94 35.74
N SER B 29 -4.26 30.54 36.01
CA SER B 29 -4.31 31.98 36.25
C SER B 29 -3.39 32.37 37.42
N LYS B 30 -3.25 31.48 38.41
CA LYS B 30 -2.34 31.72 39.53
C LYS B 30 -1.25 30.66 39.62
N GLY B 31 -1.64 29.39 39.51
CA GLY B 31 -0.70 28.29 39.71
C GLY B 31 0.27 28.12 38.56
N ASP B 32 1.20 27.17 38.69
CA ASP B 32 2.26 26.96 37.75
C ASP B 32 1.83 25.82 36.85
N VAL B 33 1.15 26.17 35.75
CA VAL B 33 0.49 25.22 34.88
C VAL B 33 1.08 25.44 33.49
N PHE B 34 1.50 24.35 32.82
CA PHE B 34 2.04 24.47 31.47
C PHE B 34 1.01 25.04 30.49
N VAL B 35 1.50 25.85 29.54
CA VAL B 35 0.76 26.11 28.34
C VAL B 35 0.82 24.80 27.52
N ILE B 36 -0.32 24.26 27.12
CA ILE B 36 -0.35 23.01 26.38
C ILE B 36 -1.37 23.09 25.27
N ARG B 37 -1.14 22.27 24.26
CA ARG B 37 -2.26 21.92 23.40
C ARG B 37 -2.06 20.44 23.04
N GLU B 38 -2.99 19.92 22.25
CA GLU B 38 -2.96 18.55 21.75
C GLU B 38 -2.87 17.55 22.91
N PRO B 39 -3.74 17.71 23.95
CA PRO B 39 -3.77 16.73 25.01
C PRO B 39 -4.41 15.42 24.53
N PHE B 40 -4.11 14.32 25.24
CA PHE B 40 -4.89 13.10 24.99
C PHE B 40 -4.78 12.16 26.18
N ILE B 41 -5.69 11.17 26.31
CA ILE B 41 -5.66 10.31 27.43
C ILE B 41 -5.24 8.92 26.92
N SER B 42 -4.54 8.18 27.75
CA SER B 42 -4.21 6.78 27.49
C SER B 42 -4.03 6.06 28.79
N CYS B 43 -4.37 4.77 28.79
CA CYS B 43 -4.37 4.00 30.06
C CYS B 43 -3.41 2.80 29.98
N SER B 44 -2.90 2.44 31.15
CA SER B 44 -2.22 1.17 31.34
C SER B 44 -3.18 0.17 32.02
N PRO B 45 -2.69 -1.03 32.40
CA PRO B 45 -3.54 -1.87 33.23
C PRO B 45 -3.74 -1.39 34.66
N LEU B 46 -2.99 -0.38 35.09
CA LEU B 46 -3.12 0.18 36.41
C LEU B 46 -3.67 1.61 36.47
N GLU B 47 -3.48 2.46 35.47
CA GLU B 47 -3.86 3.90 35.64
C GLU B 47 -4.15 4.58 34.30
N CYS B 48 -4.74 5.75 34.35
CA CYS B 48 -5.01 6.55 33.16
C CYS B 48 -4.22 7.81 33.30
N ARG B 49 -3.57 8.18 32.21
CA ARG B 49 -2.72 9.38 32.19
C ARG B 49 -3.14 10.35 31.10
N THR B 50 -2.93 11.66 31.33
CA THR B 50 -3.12 12.67 30.33
C THR B 50 -1.74 12.93 29.73
N PHE B 51 -1.59 12.77 28.42
CA PHE B 51 -0.42 13.22 27.70
C PHE B 51 -0.71 14.62 27.06
N PHE B 52 0.33 15.39 26.80
CA PHE B 52 0.10 16.73 26.21
C PHE B 52 1.38 17.29 25.64
N LEU B 53 1.24 18.24 24.72
CA LEU B 53 2.42 18.89 24.13
C LEU B 53 2.55 20.26 24.79
N THR B 54 3.56 20.37 25.66
CA THR B 54 3.84 21.67 26.30
C THR B 54 4.40 22.63 25.23
N GLN B 55 4.41 23.91 25.57
CA GLN B 55 5.11 24.94 24.81
C GLN B 55 6.36 25.40 25.57
N GLY B 56 6.83 24.59 26.50
CA GLY B 56 8.00 24.96 27.28
C GLY B 56 7.86 26.25 28.05
N ALA B 57 6.64 26.52 28.48
CA ALA B 57 6.28 27.78 29.09
C ALA B 57 5.07 27.55 30.02
N LEU B 58 4.90 28.45 30.99
CA LEU B 58 3.77 28.45 31.91
C LEU B 58 2.74 29.52 31.58
N LEU B 59 1.51 29.23 31.96
CA LEU B 59 0.43 30.21 31.85
C LEU B 59 0.71 31.48 32.66
N ASN B 60 0.31 32.61 32.09
CA ASN B 60 0.42 33.90 32.75
C ASN B 60 1.88 34.36 32.92
N ASP B 61 2.76 33.82 32.07
CA ASP B 61 4.16 34.23 31.99
C ASP B 61 4.46 34.70 30.58
N LYS B 62 5.43 35.60 30.44
CA LYS B 62 5.78 36.12 29.13
C LYS B 62 6.19 35.07 28.11
N HIS B 63 6.76 33.94 28.55
CA HIS B 63 7.14 32.91 27.59
C HIS B 63 5.98 32.17 26.91
N SER B 64 4.75 32.39 27.40
CA SER B 64 3.54 31.93 26.71
C SER B 64 3.25 32.75 25.44
N ASN B 65 3.98 33.86 25.24
CA ASN B 65 3.75 34.69 24.05
C ASN B 65 4.00 33.93 22.77
N GLY B 66 3.06 34.04 21.83
CA GLY B 66 3.25 33.50 20.52
C GLY B 66 2.96 32.01 20.42
N THR B 67 2.29 31.45 21.42
CA THR B 67 1.99 29.99 21.48
C THR B 67 0.87 29.49 20.57
N ILE B 68 0.30 30.38 19.76
CA ILE B 68 -0.44 29.96 18.57
C ILE B 68 0.44 29.12 17.62
N LYS B 69 1.76 29.35 17.64
CA LYS B 69 2.70 28.66 16.79
C LYS B 69 2.73 27.14 17.09
N ASP B 70 2.65 26.32 16.03
CA ASP B 70 2.54 24.87 16.21
C ASP B 70 3.83 24.14 16.53
N ARG B 71 4.94 24.49 15.85
CA ARG B 71 6.17 23.68 15.92
C ARG B 71 7.34 24.59 16.33
N SER B 72 8.06 24.12 17.35
CA SER B 72 9.25 24.81 17.83
C SER B 72 10.15 23.77 18.50
N PRO B 73 11.40 24.16 18.80
CA PRO B 73 12.28 23.25 19.52
C PRO B 73 11.99 23.20 21.01
N TYR B 74 11.05 24.00 21.52
CA TYR B 74 10.76 24.04 22.95
C TYR B 74 9.63 23.10 23.34
N ARG B 75 8.85 22.58 22.38
CA ARG B 75 7.70 21.77 22.70
C ARG B 75 8.16 20.37 23.17
N THR B 76 7.53 19.89 24.24
CA THR B 76 7.81 18.57 24.80
C THR B 76 6.53 17.82 25.06
N LEU B 77 6.57 16.51 24.86
CA LEU B 77 5.53 15.61 25.31
C LEU B 77 5.77 15.25 26.76
N MET B 78 4.78 15.49 27.57
CA MET B 78 4.82 15.13 28.99
C MET B 78 3.49 14.48 29.35
N SER B 79 3.39 13.94 30.57
CA SER B 79 2.17 13.32 31.00
C SER B 79 1.95 13.51 32.48
N CYS B 80 0.71 13.49 32.88
CA CYS B 80 0.34 13.54 34.31
C CYS B 80 -0.88 12.63 34.57
N PRO B 81 -1.20 12.36 35.85
CA PRO B 81 -2.43 11.60 36.08
C PRO B 81 -3.67 12.31 35.59
N ILE B 82 -4.64 11.52 35.12
CA ILE B 82 -5.85 12.05 34.58
C ILE B 82 -6.54 12.98 35.59
N GLY B 83 -6.98 14.12 35.08
CA GLY B 83 -7.75 15.05 35.89
C GLY B 83 -6.93 16.08 36.65
N GLU B 84 -5.61 15.88 36.74
CA GLU B 84 -4.74 16.83 37.42
C GLU B 84 -4.28 17.87 36.42
N VAL B 85 -3.98 19.08 36.89
CA VAL B 85 -3.44 20.09 35.99
C VAL B 85 -2.02 19.72 35.57
N PRO B 86 -1.65 19.99 34.32
CA PRO B 86 -0.26 19.70 33.86
C PRO B 86 0.73 20.75 34.41
N SER B 87 1.45 20.41 35.47
CA SER B 87 2.37 21.31 36.08
C SER B 87 3.80 20.76 35.98
N PRO B 88 4.82 21.63 36.07
CA PRO B 88 6.17 21.10 36.25
C PRO B 88 6.37 20.26 37.51
N TYR B 89 5.46 20.36 38.49
CA TYR B 89 5.63 19.68 39.77
C TYR B 89 4.89 18.34 39.81
N ASN B 90 4.07 18.00 38.80
CA ASN B 90 3.39 16.71 38.78
C ASN B 90 3.49 15.95 37.45
N SER B 91 4.28 16.45 36.50
CA SER B 91 4.32 15.92 35.17
C SER B 91 5.64 15.14 34.89
N ARG B 92 5.49 13.98 34.28
CA ARG B 92 6.60 13.14 33.88
C ARG B 92 7.03 13.59 32.50
N PHE B 93 8.34 13.70 32.26
CA PHE B 93 8.87 14.04 30.92
C PHE B 93 8.83 12.84 30.02
N GLU B 94 8.30 12.96 28.79
CA GLU B 94 8.30 11.82 27.87
C GLU B 94 9.27 11.96 26.69
N SER B 95 9.21 13.07 25.96
CA SER B 95 9.99 13.19 24.73
C SER B 95 10.00 14.65 24.28
N VAL B 96 10.97 15.02 23.45
CA VAL B 96 10.95 16.33 22.81
C VAL B 96 10.09 16.15 21.56
N ALA B 97 9.06 16.98 21.40
CA ALA B 97 8.02 16.72 20.38
C ALA B 97 7.10 17.91 20.13
N TRP B 98 6.78 18.10 18.85
CA TRP B 98 5.69 18.93 18.41
C TRP B 98 4.56 18.20 17.73
N SER B 99 4.66 16.86 17.69
CA SER B 99 3.56 15.94 17.35
C SER B 99 3.87 14.63 18.04
N ALA B 100 2.83 13.93 18.49
CA ALA B 100 3.01 12.76 19.36
C ALA B 100 1.91 11.74 19.33
N SER B 101 2.26 10.57 19.82
CA SER B 101 1.32 9.53 20.15
C SER B 101 1.92 8.76 21.38
N ALA B 102 1.09 7.98 22.07
CA ALA B 102 1.56 7.15 23.14
C ALA B 102 0.51 6.01 23.39
N CYS B 103 0.95 4.88 23.94
CA CYS B 103 0.08 3.76 24.33
C CYS B 103 0.85 2.72 25.13
N HIS B 104 0.12 1.97 25.93
CA HIS B 104 0.72 0.96 26.82
C HIS B 104 0.32 -0.37 26.32
N ASP B 105 1.26 -1.27 26.11
CA ASP B 105 0.94 -2.63 25.58
C ASP B 105 0.57 -3.67 26.65
N GLY B 106 0.48 -3.24 27.91
CA GLY B 106 0.31 -4.14 29.07
C GLY B 106 1.54 -4.31 29.91
N ILE B 107 2.69 -4.09 29.30
CA ILE B 107 3.98 -4.25 29.96
C ILE B 107 4.60 -2.87 30.18
N ASN B 108 4.76 -2.07 29.13
CA ASN B 108 5.43 -0.76 29.24
C ASN B 108 4.77 0.25 28.28
N TRP B 109 5.08 1.52 28.54
CA TRP B 109 4.64 2.62 27.72
C TRP B 109 5.51 2.73 26.45
N LEU B 110 4.84 2.92 25.33
CA LEU B 110 5.44 3.36 24.08
C LEU B 110 5.06 4.89 23.96
N THR B 111 6.07 5.72 23.69
CA THR B 111 5.85 7.12 23.30
C THR B 111 6.51 7.34 21.96
N ILE B 112 5.89 8.16 21.14
CA ILE B 112 6.41 8.55 19.83
C ILE B 112 6.38 10.07 19.85
N GLY B 113 7.54 10.70 19.70
CA GLY B 113 7.65 12.16 19.76
C GLY B 113 8.42 12.65 18.53
N ILE B 114 7.80 13.50 17.71
CA ILE B 114 8.42 14.00 16.48
C ILE B 114 8.95 15.43 16.74
N SER B 115 10.24 15.64 16.42
CA SER B 115 10.81 16.99 16.45
C SER B 115 11.76 17.13 15.28
N GLY B 116 12.46 18.26 15.22
CA GLY B 116 13.32 18.61 14.12
C GLY B 116 12.68 19.60 13.14
N PRO B 117 13.36 19.87 12.02
CA PRO B 117 12.88 20.85 11.04
C PRO B 117 11.70 20.35 10.21
N ASP B 118 10.89 21.27 9.69
CA ASP B 118 9.80 20.83 8.81
C ASP B 118 10.20 19.96 7.62
N ASN B 119 11.41 20.16 7.11
CA ASN B 119 11.84 19.43 5.92
C ASN B 119 12.58 18.14 6.22
N GLY B 120 12.60 17.71 7.48
CA GLY B 120 13.36 16.50 7.81
C GLY B 120 13.13 16.02 9.23
N ALA B 121 11.87 16.03 9.65
CA ALA B 121 11.56 15.75 11.04
C ALA B 121 11.78 14.25 11.35
N VAL B 122 12.02 13.97 12.62
CA VAL B 122 12.31 12.58 13.03
C VAL B 122 11.41 12.21 14.20
N ALA B 123 10.70 11.09 14.09
CA ALA B 123 9.98 10.49 15.21
C ALA B 123 10.96 9.65 16.03
N VAL B 124 11.03 9.93 17.34
CA VAL B 124 11.79 9.19 18.33
C VAL B 124 10.81 8.29 19.07
N LEU B 125 10.99 6.98 18.98
CA LEU B 125 10.17 5.99 19.70
C LEU B 125 10.91 5.59 20.96
N LYS B 126 10.21 5.61 22.08
CA LYS B 126 10.72 5.17 23.38
C LYS B 126 9.81 4.08 23.94
N TYR B 127 10.46 3.03 24.48
CA TYR B 127 9.73 2.00 25.21
C TYR B 127 10.29 1.98 26.60
N ASN B 128 9.41 2.08 27.58
CA ASN B 128 9.82 2.29 28.97
C ASN B 128 10.83 3.45 29.14
N GLY B 129 10.68 4.49 28.37
CA GLY B 129 11.55 5.70 28.54
C GLY B 129 12.93 5.61 27.83
N ILE B 130 13.22 4.49 27.20
CA ILE B 130 14.47 4.26 26.50
C ILE B 130 14.27 4.31 25.01
N ILE B 131 15.15 5.05 24.27
CA ILE B 131 15.00 5.16 22.83
C ILE B 131 15.15 3.78 22.21
N THR B 132 14.17 3.40 21.43
CA THR B 132 14.16 2.10 20.75
C THR B 132 14.18 2.18 19.23
N ASP B 133 13.78 3.30 18.64
CA ASP B 133 13.74 3.37 17.18
C ASP B 133 13.56 4.82 16.80
N THR B 134 13.88 5.08 15.52
CA THR B 134 13.53 6.37 14.93
C THR B 134 12.95 6.16 13.56
N ILE B 135 12.16 7.13 13.11
CA ILE B 135 11.75 7.14 11.73
C ILE B 135 11.76 8.57 11.23
N LYS B 136 12.39 8.77 10.08
CA LYS B 136 12.53 10.08 9.50
C LYS B 136 11.54 10.32 8.37
N SER B 137 11.17 11.59 8.24
CA SER B 137 10.31 12.11 7.20
C SER B 137 10.69 11.50 5.87
N TRP B 138 9.70 11.00 5.13
CA TRP B 138 9.94 10.40 3.81
C TRP B 138 9.49 11.30 2.66
N ARG B 139 8.74 12.37 2.96
CA ARG B 139 8.40 13.38 1.92
C ARG B 139 8.89 14.76 2.27
N ASN B 140 9.66 14.89 3.36
CA ASN B 140 10.24 16.20 3.71
C ASN B 140 9.22 17.33 3.85
N ASN B 141 8.04 17.03 4.38
CA ASN B 141 7.01 18.02 4.56
C ASN B 141 6.15 17.75 5.82
N ILE B 142 6.76 18.04 6.97
CA ILE B 142 6.14 17.95 8.30
C ILE B 142 5.61 16.55 8.62
N LEU B 143 6.53 15.62 8.82
CA LEU B 143 6.16 14.29 9.34
C LEU B 143 5.37 14.55 10.63
N ARG B 144 4.25 13.85 10.80
CA ARG B 144 3.30 14.14 11.88
C ARG B 144 2.42 12.94 12.17
N THR B 145 1.87 12.87 13.38
CA THR B 145 1.12 11.73 13.82
C THR B 145 -0.17 12.10 14.55
N GLN B 146 -0.67 11.14 15.33
CA GLN B 146 -2.08 11.13 15.82
C GLN B 146 -2.49 12.27 16.71
N GLU B 147 -1.64 12.63 17.66
CA GLU B 147 -2.06 13.46 18.79
C GLU B 147 -3.10 12.78 19.64
N SER B 148 -3.14 11.42 19.62
CA SER B 148 -3.94 10.71 20.60
C SER B 148 -3.28 9.35 20.75
N GLU B 149 -3.89 8.46 21.50
CA GLU B 149 -3.28 7.22 21.80
C GLU B 149 -3.16 6.28 20.61
N CYS B 150 -2.00 5.58 20.52
CA CYS B 150 -1.89 4.42 19.65
C CYS B 150 -2.75 3.25 20.20
N ALA B 151 -2.82 2.16 19.41
CA ALA B 151 -3.73 1.07 19.73
C ALA B 151 -2.95 -0.17 19.82
N CYS B 152 -3.19 -0.98 20.86
CA CYS B 152 -2.38 -2.18 21.05
CA CYS B 152 -2.35 -2.12 21.05
C CYS B 152 -3.20 -3.43 21.09
N VAL B 153 -2.64 -4.43 20.47
CA VAL B 153 -3.28 -5.76 20.38
C VAL B 153 -2.17 -6.84 20.47
N ASN B 154 -2.29 -7.68 21.47
CA ASN B 154 -1.38 -8.79 21.71
C ASN B 154 0.08 -8.46 21.56
N GLY B 155 0.55 -7.40 22.22
CA GLY B 155 1.98 -7.07 22.18
C GLY B 155 2.44 -6.17 21.04
N SER B 156 1.53 -5.85 20.09
CA SER B 156 1.90 -5.04 19.02
C SER B 156 1.05 -3.82 19.16
N CYS B 157 1.67 -2.68 18.91
CA CYS B 157 0.99 -1.38 18.92
CA CYS B 157 0.99 -1.42 18.92
C CYS B 157 1.12 -0.80 17.55
N PHE B 158 0.09 -0.04 17.18
CA PHE B 158 -0.14 0.48 15.88
C PHE B 158 -0.48 1.97 15.86
N THR B 159 0.06 2.65 14.86
CA THR B 159 -0.10 4.12 14.66
C THR B 159 -0.12 4.45 13.19
N VAL B 160 -0.53 5.65 12.87
CA VAL B 160 -0.54 6.19 11.55
C VAL B 160 0.19 7.54 11.57
N MET B 161 0.96 7.79 10.49
CA MET B 161 1.74 9.04 10.30
C MET B 161 1.51 9.57 8.90
N THR B 162 1.53 10.90 8.79
CA THR B 162 1.32 11.58 7.53
C THR B 162 2.55 12.40 7.21
N ASP B 163 2.86 12.55 5.93
CA ASP B 163 3.92 13.42 5.48
C ASP B 163 3.50 14.00 4.12
N GLY B 164 3.60 15.31 3.97
CA GLY B 164 3.11 15.97 2.73
C GLY B 164 2.16 17.11 3.05
N PRO B 165 1.49 17.65 2.02
CA PRO B 165 0.71 18.87 2.21
C PRO B 165 -0.48 18.69 3.18
N ASN B 166 -0.86 19.77 3.84
CA ASN B 166 -2.07 19.77 4.68
C ASN B 166 -3.28 20.22 3.90
N ASN B 167 -3.09 20.57 2.62
CA ASN B 167 -4.15 21.17 1.78
C ASN B 167 -4.18 20.54 0.36
N GLY B 168 -3.78 19.29 0.27
CA GLY B 168 -3.81 18.54 -0.95
C GLY B 168 -3.37 17.13 -0.68
N GLN B 169 -3.18 16.37 -1.76
CA GLN B 169 -2.76 14.96 -1.60
C GLN B 169 -1.46 14.85 -0.81
N ALA B 170 -1.49 13.99 0.22
CA ALA B 170 -0.32 13.67 0.99
C ALA B 170 -0.10 12.12 1.05
N SER B 171 0.85 11.73 1.87
CA SER B 171 1.29 10.34 2.02
C SER B 171 1.00 9.88 3.45
N TYR B 172 0.47 8.66 3.59
CA TYR B 172 -0.06 8.18 4.87
C TYR B 172 0.50 6.79 5.06
N LYS B 173 1.14 6.52 6.19
CA LYS B 173 1.69 5.21 6.50
C LYS B 173 1.17 4.65 7.81
N ILE B 174 0.97 3.33 7.83
CA ILE B 174 0.60 2.61 9.05
C ILE B 174 1.81 1.85 9.54
N PHE B 175 2.00 1.82 10.88
CA PHE B 175 3.13 1.16 11.49
C PHE B 175 2.72 0.15 12.52
N ARG B 176 3.44 -0.97 12.56
CA ARG B 176 3.31 -1.96 13.64
C ARG B 176 4.58 -1.93 14.42
N ILE B 177 4.46 -1.81 15.74
CA ILE B 177 5.54 -1.61 16.60
C ILE B 177 5.50 -2.62 17.72
N GLU B 178 6.65 -3.22 18.01
CA GLU B 178 6.75 -4.20 19.10
C GLU B 178 7.94 -3.84 20.00
N LYS B 179 7.68 -3.68 21.30
CA LYS B 179 8.73 -3.22 22.25
C LYS B 179 9.46 -1.97 21.74
N GLY B 180 8.68 -1.05 21.16
CA GLY B 180 9.28 0.17 20.66
C GLY B 180 10.05 0.12 19.36
N LYS B 181 10.06 -1.03 18.67
CA LYS B 181 10.76 -1.19 17.39
C LYS B 181 9.73 -1.32 16.27
N ILE B 182 9.94 -0.61 15.14
CA ILE B 182 9.07 -0.74 14.02
C ILE B 182 9.40 -2.13 13.40
N VAL B 183 8.37 -2.99 13.27
CA VAL B 183 8.49 -4.34 12.66
C VAL B 183 7.84 -4.47 11.29
N LYS B 184 6.94 -3.56 10.94
CA LYS B 184 6.26 -3.52 9.67
C LYS B 184 5.71 -2.09 9.48
N SER B 185 5.69 -1.69 8.22
CA SER B 185 4.96 -0.51 7.82
C SER B 185 4.43 -0.66 6.40
N VAL B 186 3.40 0.10 6.09
CA VAL B 186 2.87 0.11 4.72
C VAL B 186 2.37 1.50 4.40
N GLU B 187 2.57 1.92 3.16
CA GLU B 187 1.95 3.14 2.69
C GLU B 187 0.54 2.85 2.23
N MET B 188 -0.42 3.61 2.79
CA MET B 188 -1.79 3.53 2.33
C MET B 188 -1.92 4.08 0.90
N ASN B 189 -2.56 3.30 0.03
CA ASN B 189 -2.86 3.70 -1.37
C ASN B 189 -4.21 4.41 -1.36
N ALA B 190 -4.21 5.71 -1.11
CA ALA B 190 -5.47 6.44 -0.87
C ALA B 190 -5.51 7.71 -1.70
N PRO B 191 -5.46 7.51 -3.04
CA PRO B 191 -5.63 8.70 -3.88
C PRO B 191 -6.96 9.37 -3.63
N ASN B 192 -6.95 10.71 -3.54
CA ASN B 192 -8.13 11.54 -3.31
C ASN B 192 -8.61 11.55 -1.88
N TYR B 193 -7.89 10.86 -0.99
CA TYR B 193 -8.20 10.86 0.42
C TYR B 193 -7.18 11.76 1.11
N HIS B 194 -7.52 12.25 2.31
CA HIS B 194 -6.63 12.97 3.16
C HIS B 194 -6.82 12.54 4.60
N TYR B 195 -5.71 12.13 5.24
CA TYR B 195 -5.68 11.62 6.61
C TYR B 195 -4.77 12.46 7.47
N GLU B 196 -5.33 13.06 8.50
CA GLU B 196 -4.56 13.75 9.53
C GLU B 196 -5.05 13.27 10.89
N GLU B 197 -4.13 13.25 11.86
CA GLU B 197 -4.53 13.20 13.28
C GLU B 197 -5.52 12.07 13.62
N CYS B 198 -5.18 10.84 13.24
CA CYS B 198 -6.08 9.75 13.40
C CYS B 198 -6.34 9.37 14.88
N SER B 199 -7.61 9.09 15.17
CA SER B 199 -8.05 8.56 16.48
C SER B 199 -8.32 7.04 16.28
N CYS B 200 -7.42 6.19 16.80
CA CYS B 200 -7.42 4.74 16.56
C CYS B 200 -7.71 4.01 17.84
N TYR B 201 -8.45 2.94 17.74
CA TYR B 201 -8.70 2.09 18.84
C TYR B 201 -8.74 0.66 18.29
N PRO B 202 -8.50 -0.31 19.16
CA PRO B 202 -8.70 -1.74 19.00
C PRO B 202 -10.12 -2.26 19.23
N ASP B 203 -10.48 -3.23 18.44
CA ASP B 203 -11.83 -3.83 18.53
C ASP B 203 -11.67 -5.25 17.89
N SER B 204 -11.79 -6.31 18.67
CA SER B 204 -11.77 -7.68 18.12
C SER B 204 -10.55 -7.94 17.28
N SER B 205 -9.39 -7.59 17.84
CA SER B 205 -8.05 -7.86 17.29
C SER B 205 -7.63 -7.01 16.07
N GLU B 206 -8.43 -6.01 15.71
CA GLU B 206 -8.23 -5.16 14.56
C GLU B 206 -8.34 -3.73 14.99
N ILE B 207 -7.72 -2.87 14.22
CA ILE B 207 -7.65 -1.47 14.57
C ILE B 207 -8.51 -0.68 13.63
N THR B 208 -9.29 0.26 14.18
CA THR B 208 -10.07 1.20 13.40
C THR B 208 -9.62 2.61 13.78
N CYS B 209 -9.35 3.42 12.77
CA CYS B 209 -8.99 4.83 12.95
C CYS B 209 -9.94 5.75 12.21
N VAL B 210 -10.36 6.83 12.91
CA VAL B 210 -11.21 7.89 12.36
C VAL B 210 -10.41 9.19 12.48
N CYS B 211 -10.30 9.87 11.34
CA CYS B 211 -9.25 10.88 11.12
C CYS B 211 -9.85 12.22 10.63
N ARG B 212 -8.99 13.14 10.24
CA ARG B 212 -9.37 14.46 9.75
C ARG B 212 -8.92 14.61 8.31
N ASP B 213 -9.85 14.94 7.40
CA ASP B 213 -9.50 15.34 6.04
C ASP B 213 -9.40 16.88 6.03
N ASN B 214 -8.18 17.40 5.93
CA ASN B 214 -7.94 18.85 5.94
C ASN B 214 -7.97 19.49 4.54
N TRP B 215 -8.06 18.65 3.51
CA TRP B 215 -7.99 19.03 2.10
C TRP B 215 -9.38 19.32 1.53
N HIS B 216 -10.28 18.36 1.52
CA HIS B 216 -11.59 18.55 0.83
C HIS B 216 -12.70 17.66 1.31
N GLY B 217 -12.76 17.40 2.64
CA GLY B 217 -13.77 16.53 3.20
C GLY B 217 -14.32 17.14 4.48
N SER B 218 -15.65 17.26 4.59
CA SER B 218 -16.32 17.72 5.84
C SER B 218 -16.91 16.54 6.66
N ASN B 219 -16.86 15.35 6.06
CA ASN B 219 -17.01 14.09 6.78
C ASN B 219 -15.63 13.53 7.08
N ARG B 220 -15.56 12.56 7.97
CA ARG B 220 -14.28 12.00 8.38
C ARG B 220 -13.89 10.74 7.61
N PRO B 221 -12.62 10.69 7.18
CA PRO B 221 -12.05 9.48 6.64
C PRO B 221 -11.72 8.44 7.72
N TRP B 222 -11.76 7.17 7.33
CA TRP B 222 -11.39 6.09 8.21
C TRP B 222 -10.43 5.13 7.54
N VAL B 223 -9.67 4.44 8.38
CA VAL B 223 -8.84 3.35 7.97
C VAL B 223 -8.90 2.27 9.04
N SER B 224 -9.01 1.03 8.59
CA SER B 224 -9.09 -0.09 9.49
C SER B 224 -8.13 -1.14 8.99
N PHE B 225 -7.53 -1.85 9.92
CA PHE B 225 -6.54 -2.84 9.55
C PHE B 225 -6.36 -3.95 10.57
N ASN B 226 -5.84 -5.10 10.07
CA ASN B 226 -5.41 -6.18 10.96
C ASN B 226 -3.96 -6.09 11.36
N GLN B 227 -3.51 -7.08 12.12
CA GLN B 227 -2.17 -7.06 12.69
C GLN B 227 -1.09 -7.14 11.57
N ASN B 228 -1.43 -7.71 10.40
CA ASN B 228 -0.46 -7.76 9.30
CA ASN B 228 -0.52 -7.79 9.24
C ASN B 228 -0.55 -6.50 8.42
N LEU B 229 -1.32 -5.52 8.90
CA LEU B 229 -1.47 -4.22 8.23
C LEU B 229 -2.17 -4.33 6.90
N GLU B 230 -3.01 -5.37 6.74
CA GLU B 230 -3.97 -5.36 5.63
C GLU B 230 -5.10 -4.41 5.94
N TYR B 231 -5.29 -3.34 5.15
CA TYR B 231 -6.17 -2.27 5.47
C TYR B 231 -7.37 -2.13 4.51
N GLN B 232 -8.40 -1.43 4.99
CA GLN B 232 -9.50 -0.90 4.17
C GLN B 232 -9.64 0.58 4.55
N ILE B 233 -10.15 1.35 3.59
CA ILE B 233 -10.34 2.76 3.71
C ILE B 233 -11.75 3.16 3.21
N GLY B 234 -12.23 4.27 3.75
CA GLY B 234 -13.47 4.88 3.32
C GLY B 234 -13.66 6.22 4.07
N TYR B 235 -14.87 6.77 3.95
CA TYR B 235 -15.31 7.94 4.71
C TYR B 235 -16.62 7.59 5.40
N ILE B 236 -16.87 8.22 6.54
CA ILE B 236 -18.13 8.01 7.26
C ILE B 236 -19.25 8.55 6.39
N CYS B 237 -20.25 7.71 6.10
CA CYS B 237 -21.28 8.08 5.12
C CYS B 237 -22.37 9.01 5.66
N SER B 238 -22.54 9.08 6.98
CA SER B 238 -23.63 9.86 7.59
C SER B 238 -23.70 11.27 7.09
N GLY B 239 -24.93 11.75 6.94
CA GLY B 239 -25.19 13.14 6.63
C GLY B 239 -25.08 14.02 7.85
N ILE B 240 -24.86 13.37 9.00
CA ILE B 240 -24.49 14.07 10.26
C ILE B 240 -22.98 14.27 10.18
N PHE B 241 -22.59 15.38 9.58
CA PHE B 241 -21.19 15.58 9.19
C PHE B 241 -20.33 15.75 10.44
N GLY B 242 -19.14 15.15 10.45
CA GLY B 242 -18.36 15.07 11.66
C GLY B 242 -17.26 16.12 11.87
N ASP B 243 -16.78 16.74 10.78
CA ASP B 243 -15.67 17.67 10.85
C ASP B 243 -16.14 19.06 11.28
N ASN B 244 -15.16 19.90 11.50
CA ASN B 244 -15.35 21.32 11.72
C ASN B 244 -14.27 22.07 10.96
N PRO B 245 -14.59 22.97 10.02
CA PRO B 245 -15.96 23.32 9.57
C PRO B 245 -16.68 22.25 8.76
N ARG B 246 -17.97 22.49 8.46
CA ARG B 246 -18.79 21.53 7.76
C ARG B 246 -20.02 22.28 7.29
N PRO B 247 -20.79 21.68 6.39
CA PRO B 247 -22.12 22.28 6.10
C PRO B 247 -23.14 21.91 7.14
N ASN B 248 -24.31 22.55 7.08
CA ASN B 248 -25.47 22.00 7.79
C ASN B 248 -25.75 20.54 7.33
N ASP B 249 -26.29 19.74 8.24
CA ASP B 249 -26.59 18.32 7.98
C ASP B 249 -27.55 18.17 6.77
N LYS B 250 -27.24 17.21 5.91
CA LYS B 250 -28.03 16.89 4.72
CA LYS B 250 -27.97 16.92 4.67
C LYS B 250 -27.56 15.52 4.20
N THR B 251 -27.91 15.12 2.99
CA THR B 251 -27.45 13.82 2.50
C THR B 251 -25.93 13.76 2.39
N GLY B 252 -25.34 12.72 2.95
CA GLY B 252 -23.89 12.58 2.99
C GLY B 252 -23.33 11.79 1.82
N SER B 253 -22.10 11.34 2.01
CA SER B 253 -21.39 10.61 0.98
C SER B 253 -20.44 9.66 1.60
N CYS B 254 -20.19 8.52 0.91
CA CYS B 254 -19.16 7.58 1.27
CA CYS B 254 -19.00 7.80 1.38
C CYS B 254 -17.73 7.96 0.72
N GLY B 255 -17.64 9.07 0.03
CA GLY B 255 -16.35 9.68 -0.31
C GLY B 255 -16.28 11.02 0.42
N PRO B 256 -15.21 11.78 0.15
CA PRO B 256 -15.07 13.08 0.81
C PRO B 256 -16.15 14.10 0.38
N VAL B 257 -16.78 14.73 1.36
CA VAL B 257 -17.80 15.73 1.12
C VAL B 257 -17.09 17.06 0.93
N SER B 258 -17.16 17.59 -0.30
CA SER B 258 -16.37 18.77 -0.64
C SER B 258 -16.86 20.05 -0.01
N SER B 259 -18.15 20.19 0.22
CA SER B 259 -18.67 21.43 0.78
C SER B 259 -18.08 21.69 2.16
N ASN B 260 -17.45 22.85 2.32
CA ASN B 260 -16.80 23.26 3.57
C ASN B 260 -15.69 22.26 3.99
N GLY B 261 -15.11 21.56 3.01
CA GLY B 261 -14.26 20.42 3.28
C GLY B 261 -12.84 20.80 3.69
N ALA B 262 -12.33 21.92 3.19
CA ALA B 262 -10.99 22.38 3.55
C ALA B 262 -10.94 22.70 5.05
N ASN B 263 -9.73 22.58 5.62
CA ASN B 263 -9.50 22.74 7.06
CA ASN B 263 -9.50 22.74 7.07
C ASN B 263 -10.23 21.61 7.82
N GLY B 264 -10.24 21.68 9.15
CA GLY B 264 -10.76 20.54 9.91
C GLY B 264 -10.42 20.68 11.39
N VAL B 265 -10.75 19.65 12.16
CA VAL B 265 -10.39 19.55 13.53
C VAL B 265 -10.13 18.08 13.81
N LYS B 266 -9.17 17.76 14.66
CA LYS B 266 -9.04 16.38 15.08
C LYS B 266 -10.30 15.92 15.79
N GLY B 267 -10.78 14.72 15.47
CA GLY B 267 -11.92 14.12 16.10
C GLY B 267 -11.87 12.59 16.11
N PHE B 268 -13.01 11.98 16.40
CA PHE B 268 -13.10 10.55 16.53
C PHE B 268 -14.53 10.11 16.25
N SER B 269 -14.69 8.83 16.08
CA SER B 269 -16.02 8.18 16.11
C SER B 269 -15.80 6.74 16.43
N PHE B 270 -16.85 6.09 16.92
CA PHE B 270 -16.80 4.65 17.22
C PHE B 270 -17.85 3.88 16.36
N LYS B 271 -17.35 2.94 15.57
CA LYS B 271 -18.13 2.11 14.72
C LYS B 271 -18.71 0.94 15.49
N TYR B 272 -20.02 0.69 15.27
CA TYR B 272 -20.74 -0.51 15.77
C TYR B 272 -21.64 -1.05 14.64
N GLY B 273 -21.11 -2.02 13.91
CA GLY B 273 -21.74 -2.47 12.66
C GLY B 273 -21.89 -1.34 11.63
N ASN B 274 -23.11 -1.12 11.18
CA ASN B 274 -23.46 0.00 10.31
C ASN B 274 -23.63 1.28 11.10
N GLY B 275 -23.68 1.21 12.43
CA GLY B 275 -23.94 2.40 13.22
C GLY B 275 -22.68 3.12 13.62
N VAL B 276 -22.85 4.33 14.16
CA VAL B 276 -21.73 5.09 14.63
C VAL B 276 -22.11 6.01 15.76
N TRP B 277 -21.23 6.06 16.79
CA TRP B 277 -21.21 7.13 17.75
C TRP B 277 -20.25 8.27 17.24
N ILE B 278 -20.80 9.44 16.90
CA ILE B 278 -20.06 10.60 16.37
C ILE B 278 -19.93 11.62 17.51
N GLY B 279 -18.70 12.02 17.82
CA GLY B 279 -18.43 13.21 18.61
C GLY B 279 -18.17 14.36 17.67
N ARG B 280 -18.78 15.52 17.88
CA ARG B 280 -18.52 16.67 17.03
C ARG B 280 -18.78 17.97 17.75
N THR B 281 -18.26 19.04 17.18
CA THR B 281 -18.58 20.39 17.64
C THR B 281 -20.09 20.65 17.44
N LYS B 282 -20.66 21.61 18.17
CA LYS B 282 -22.05 22.03 17.87
C LYS B 282 -22.10 23.05 16.74
N SER B 283 -21.11 23.92 16.65
CA SER B 283 -21.05 24.94 15.60
C SER B 283 -20.55 24.28 14.30
N ILE B 284 -21.15 24.66 13.17
CA ILE B 284 -20.67 24.21 11.87
C ILE B 284 -19.44 24.98 11.37
N SER B 285 -19.10 26.11 11.99
CA SER B 285 -18.08 26.97 11.46
C SER B 285 -16.88 27.21 12.36
N SER B 286 -17.01 27.01 13.68
CA SER B 286 -15.91 27.22 14.59
C SER B 286 -15.87 26.15 15.68
N ARG B 287 -14.78 26.13 16.42
CA ARG B 287 -14.57 25.07 17.44
C ARG B 287 -15.31 25.48 18.70
N ASN B 288 -16.64 25.40 18.63
CA ASN B 288 -17.54 25.70 19.74
C ASN B 288 -18.53 24.56 19.95
N GLY B 289 -18.78 24.23 21.20
CA GLY B 289 -19.71 23.18 21.60
C GLY B 289 -19.20 21.79 21.33
N PHE B 290 -19.87 20.83 21.91
CA PHE B 290 -19.58 19.43 21.66
C PHE B 290 -20.80 18.61 22.02
N GLU B 291 -21.00 17.56 21.24
CA GLU B 291 -22.12 16.66 21.40
C GLU B 291 -21.74 15.29 20.92
N MET B 292 -22.39 14.27 21.49
CA MET B 292 -22.30 12.89 21.06
C MET B 292 -23.63 12.47 20.40
N ILE B 293 -23.53 11.86 19.21
CA ILE B 293 -24.72 11.47 18.44
C ILE B 293 -24.57 10.00 18.08
N TRP B 294 -25.63 9.22 18.36
CA TRP B 294 -25.74 7.83 18.00
C TRP B 294 -26.57 7.83 16.74
N ASP B 295 -25.92 7.46 15.63
CA ASP B 295 -26.61 7.25 14.36
C ASP B 295 -26.54 5.74 14.00
N PRO B 296 -27.67 4.97 14.14
CA PRO B 296 -27.65 3.55 13.96
C PRO B 296 -27.30 3.02 12.60
N ASN B 297 -27.40 3.84 11.55
CA ASN B 297 -26.92 3.45 10.22
C ASN B 297 -25.85 4.40 9.61
N GLY B 298 -25.25 5.25 10.43
CA GLY B 298 -24.39 6.33 9.97
C GLY B 298 -22.99 5.93 9.44
N TRP B 299 -22.49 4.73 9.72
CA TRP B 299 -21.20 4.39 9.15
C TRP B 299 -21.32 4.20 7.66
N THR B 300 -22.40 3.52 7.23
CA THR B 300 -22.56 3.14 5.83
C THR B 300 -23.70 3.81 5.11
N GLY B 301 -24.62 4.45 5.83
CA GLY B 301 -25.75 5.15 5.21
C GLY B 301 -25.61 6.66 5.16
N THR B 302 -26.20 7.27 4.14
CA THR B 302 -26.01 8.70 3.88
C THR B 302 -27.08 9.65 4.40
N ASP B 303 -28.15 9.14 5.03
CA ASP B 303 -29.20 10.06 5.50
C ASP B 303 -28.70 10.88 6.68
N ASN B 304 -29.44 11.91 7.01
CA ASN B 304 -29.09 12.75 8.17
C ASN B 304 -30.01 12.51 9.37
N ASN B 305 -30.62 11.31 9.48
CA ASN B 305 -31.42 10.96 10.63
C ASN B 305 -30.47 10.38 11.71
N PHE B 306 -30.84 10.55 12.97
CA PHE B 306 -30.10 9.98 14.10
C PHE B 306 -31.02 9.75 15.25
N SER B 307 -30.63 8.89 16.21
CA SER B 307 -31.52 8.41 17.27
C SER B 307 -31.28 9.03 18.63
N ILE B 308 -30.02 9.35 18.98
CA ILE B 308 -29.65 9.90 20.31
C ILE B 308 -28.66 11.03 20.13
N LYS B 309 -28.86 12.13 20.84
CA LYS B 309 -27.88 13.19 20.98
C LYS B 309 -27.70 13.47 22.48
N GLN B 310 -26.44 13.57 22.91
CA GLN B 310 -26.14 13.92 24.30
C GLN B 310 -25.26 15.17 24.27
N ASP B 311 -25.70 16.21 24.94
CA ASP B 311 -24.91 17.43 25.04
C ASP B 311 -23.69 17.26 25.96
N ILE B 312 -22.58 17.83 25.54
CA ILE B 312 -21.28 17.78 26.25
C ILE B 312 -20.72 19.15 26.61
N VAL B 313 -20.70 20.06 25.62
CA VAL B 313 -20.28 21.44 25.81
C VAL B 313 -21.29 22.31 25.05
N GLY B 314 -21.75 23.40 25.68
CA GLY B 314 -22.74 24.28 25.05
C GLY B 314 -22.25 24.96 23.78
N ILE B 315 -23.17 25.30 22.90
CA ILE B 315 -22.80 25.88 21.61
C ILE B 315 -22.01 27.19 21.74
N ASN B 316 -22.25 27.96 22.79
CA ASN B 316 -21.52 29.21 22.93
C ASN B 316 -20.19 29.07 23.64
N GLU B 317 -19.77 27.85 24.00
CA GLU B 317 -18.52 27.66 24.73
C GLU B 317 -17.44 27.06 23.82
N TRP B 318 -16.19 27.38 24.13
CA TRP B 318 -15.04 26.91 23.36
C TRP B 318 -14.83 25.40 23.50
N SER B 319 -14.61 24.75 22.37
CA SER B 319 -14.15 23.32 22.40
C SER B 319 -12.84 23.26 21.62
N GLY B 320 -12.65 22.24 20.80
CA GLY B 320 -11.33 22.01 20.23
C GLY B 320 -11.21 20.57 19.78
N TYR B 321 -9.99 20.05 19.87
CA TYR B 321 -9.73 18.65 19.50
C TYR B 321 -10.53 17.70 20.37
N SER B 322 -10.75 16.51 19.82
CA SER B 322 -11.28 15.40 20.59
C SER B 322 -10.64 14.11 20.08
N GLY B 323 -10.64 13.10 20.92
CA GLY B 323 -10.11 11.81 20.56
C GLY B 323 -10.68 10.68 21.38
N SER B 324 -10.58 9.49 20.82
CA SER B 324 -10.91 8.31 21.54
C SER B 324 -9.84 7.91 22.52
N PHE B 325 -10.25 7.20 23.54
CA PHE B 325 -9.35 6.29 24.28
C PHE B 325 -10.11 5.11 24.78
N VAL B 326 -9.46 3.98 25.04
CA VAL B 326 -10.12 2.76 25.54
C VAL B 326 -9.64 2.29 26.95
N GLN B 327 -10.49 1.53 27.66
CA GLN B 327 -10.14 0.90 28.79
C GLN B 327 -10.33 -0.58 28.51
N HIS B 328 -9.20 -1.31 28.60
CA HIS B 328 -9.16 -2.69 28.27
C HIS B 328 -9.72 -3.51 29.49
N PRO B 329 -10.18 -4.71 29.22
CA PRO B 329 -10.61 -5.63 30.24
C PRO B 329 -9.57 -5.93 31.31
N GLU B 330 -8.29 -5.95 30.94
CA GLU B 330 -7.21 -6.08 31.91
C GLU B 330 -7.18 -4.95 32.98
N LEU B 331 -7.72 -3.77 32.64
CA LEU B 331 -7.90 -2.66 33.61
C LEU B 331 -9.24 -2.69 34.37
N THR B 332 -10.32 -2.91 33.64
CA THR B 332 -11.66 -2.80 34.18
C THR B 332 -12.26 -4.08 34.81
N GLY B 333 -11.78 -5.24 34.37
CA GLY B 333 -12.46 -6.51 34.63
C GLY B 333 -13.73 -6.85 33.88
N LEU B 334 -14.03 -6.10 32.83
CA LEU B 334 -15.19 -6.28 32.01
C LEU B 334 -14.84 -7.32 30.95
N ASP B 335 -15.78 -7.67 30.10
CA ASP B 335 -15.52 -8.70 29.05
C ASP B 335 -15.47 -8.12 27.67
N CYS B 336 -15.30 -6.81 27.59
CA CYS B 336 -15.33 -6.08 26.36
C CYS B 336 -14.37 -4.83 26.56
N ILE B 337 -13.99 -4.17 25.46
CA ILE B 337 -13.13 -2.97 25.48
C ILE B 337 -14.07 -1.77 25.61
N ARG B 338 -13.85 -0.94 26.63
CA ARG B 338 -14.73 0.16 26.93
C ARG B 338 -14.29 1.40 26.16
N PRO B 339 -15.16 1.95 25.33
CA PRO B 339 -14.83 3.14 24.64
C PRO B 339 -15.02 4.33 25.59
N CYS B 340 -14.07 5.29 25.52
CA CYS B 340 -14.11 6.57 26.22
C CYS B 340 -13.66 7.67 25.28
N PHE B 341 -13.76 8.97 25.68
CA PHE B 341 -13.28 10.04 24.80
C PHE B 341 -12.90 11.29 25.62
N TRP B 342 -12.03 12.10 25.05
CA TRP B 342 -11.63 13.37 25.65
C TRP B 342 -11.93 14.52 24.67
N VAL B 343 -12.09 15.69 25.26
CA VAL B 343 -12.27 16.93 24.51
C VAL B 343 -11.29 17.96 25.07
N GLU B 344 -10.55 18.60 24.17
CA GLU B 344 -9.69 19.74 24.45
C GLU B 344 -10.54 21.02 24.33
N LEU B 345 -10.49 21.86 25.36
CA LEU B 345 -11.20 23.14 25.40
C LEU B 345 -10.14 24.22 25.22
N ILE B 346 -10.02 24.69 23.99
CA ILE B 346 -8.97 25.62 23.56
C ILE B 346 -9.33 27.06 23.91
N ARG B 347 -8.39 27.68 24.63
CA ARG B 347 -8.53 29.10 25.05
C ARG B 347 -7.42 29.96 24.46
N GLY B 348 -7.78 31.21 24.14
CA GLY B 348 -6.79 32.15 23.63
C GLY B 348 -6.87 32.33 22.15
N ARG B 349 -5.71 32.49 21.51
CA ARG B 349 -5.65 32.72 20.05
C ARG B 349 -6.10 31.48 19.23
N PRO B 350 -6.72 31.64 18.06
CA PRO B 350 -6.93 32.92 17.38
C PRO B 350 -8.19 33.67 17.79
N LYS B 351 -9.09 33.05 18.56
CA LYS B 351 -10.43 33.58 18.72
C LYS B 351 -10.53 34.61 19.83
N GLU B 352 -9.57 34.65 20.73
CA GLU B 352 -9.67 35.54 21.89
C GLU B 352 -8.46 36.42 21.94
N ASN B 353 -8.57 37.55 22.64
CA ASN B 353 -7.55 38.64 22.57
C ASN B 353 -6.47 38.45 23.61
N THR B 354 -5.66 37.42 23.39
CA THR B 354 -4.56 37.09 24.29
C THR B 354 -3.26 36.98 23.51
N ILE B 355 -2.15 36.86 24.20
CA ILE B 355 -0.89 36.61 23.54
C ILE B 355 -0.62 35.09 23.36
N TRP B 356 -1.44 34.27 24.01
CA TRP B 356 -1.18 32.83 24.18
C TRP B 356 -2.36 31.97 23.68
N THR B 357 -2.11 30.67 23.53
CA THR B 357 -3.13 29.68 23.24
C THR B 357 -2.85 28.50 24.19
N SER B 358 -3.86 28.00 24.89
CA SER B 358 -3.66 26.78 25.73
C SER B 358 -4.97 26.04 25.83
N GLY B 359 -4.98 24.83 26.34
CA GLY B 359 -6.26 24.19 26.55
C GLY B 359 -6.39 23.52 27.89
N SER B 360 -7.64 23.29 28.28
CA SER B 360 -7.96 22.36 29.35
C SER B 360 -8.67 21.15 28.73
N SER B 361 -9.10 20.22 29.59
CA SER B 361 -9.70 19.01 29.08
C SER B 361 -10.84 18.48 29.94
N ILE B 362 -11.68 17.70 29.28
CA ILE B 362 -12.73 16.92 29.93
C ILE B 362 -12.66 15.52 29.27
N SER B 363 -13.17 14.51 29.98
CA SER B 363 -13.31 13.16 29.44
C SER B 363 -14.52 12.44 29.98
N PHE B 364 -14.94 11.47 29.19
CA PHE B 364 -16.15 10.68 29.44
C PHE B 364 -15.89 9.21 29.12
N CYS B 365 -16.60 8.30 29.80
CA CYS B 365 -16.57 6.87 29.48
C CYS B 365 -17.92 6.38 29.13
N GLY B 366 -17.97 5.41 28.21
CA GLY B 366 -19.21 4.83 27.66
C GLY B 366 -19.81 3.89 28.72
N VAL B 367 -21.12 4.04 28.98
CA VAL B 367 -21.84 3.19 29.92
C VAL B 367 -23.17 2.73 29.28
N ASN B 368 -23.79 1.74 29.88
CA ASN B 368 -25.18 1.39 29.58
C ASN B 368 -26.19 1.73 30.64
N SER B 369 -25.76 2.49 31.64
CA SER B 369 -26.61 2.96 32.72
C SER B 369 -27.02 4.42 32.41
N ASP B 370 -27.76 5.03 33.30
CA ASP B 370 -28.33 6.35 33.03
C ASP B 370 -27.25 7.45 32.96
N THR B 371 -27.45 8.34 31.99
CA THR B 371 -26.59 9.51 31.77
C THR B 371 -27.41 10.76 31.52
N VAL B 372 -26.72 11.88 31.40
CA VAL B 372 -27.37 13.15 31.14
C VAL B 372 -26.48 14.07 30.36
N GLY B 373 -27.13 14.87 29.51
CA GLY B 373 -26.52 16.00 28.81
C GLY B 373 -26.34 17.20 29.71
N TRP B 374 -25.24 17.94 29.50
CA TRP B 374 -25.00 19.21 30.15
C TRP B 374 -23.93 19.97 29.40
N SER B 375 -23.37 21.01 30.02
CA SER B 375 -22.23 21.69 29.46
C SER B 375 -21.15 21.76 30.52
N TRP B 376 -19.96 21.24 30.20
CA TRP B 376 -18.79 21.29 31.11
C TRP B 376 -17.67 22.07 30.41
N PRO B 377 -17.79 23.40 30.39
CA PRO B 377 -16.85 24.15 29.56
C PRO B 377 -15.56 24.47 30.31
N ASP B 378 -14.65 25.19 29.66
CA ASP B 378 -13.35 25.51 30.29
C ASP B 378 -13.50 26.38 31.53
N GLY B 379 -14.20 27.50 31.38
CA GLY B 379 -14.58 28.35 32.51
C GLY B 379 -13.59 29.43 32.94
N ALA B 380 -12.45 29.54 32.24
CA ALA B 380 -11.52 30.61 32.58
C ALA B 380 -12.04 31.95 32.05
N GLU B 381 -11.64 33.03 32.71
CA GLU B 381 -12.05 34.38 32.34
C GLU B 381 -10.83 35.05 31.69
N LEU B 382 -10.94 35.25 30.40
CA LEU B 382 -9.89 35.85 29.58
C LEU B 382 -10.26 37.34 29.29
N PRO B 383 -9.28 38.22 29.07
CA PRO B 383 -7.84 37.90 29.09
C PRO B 383 -7.26 37.73 30.49
N PHE B 384 -5.98 37.36 30.55
CA PHE B 384 -5.27 37.17 31.81
C PHE B 384 -4.37 38.37 32.02
N THR B 385 -3.82 38.45 33.23
CA THR B 385 -2.84 39.46 33.66
C THR B 385 -1.74 39.71 32.62
N ILE B 386 -1.18 38.65 32.06
CA ILE B 386 -0.06 38.77 31.14
C ILE B 386 -0.45 39.45 29.81
N ASP B 387 -1.72 39.45 29.48
CA ASP B 387 -2.23 39.96 28.21
C ASP B 387 -2.44 41.49 28.29
C1 NAG C . 4.32 39.53 23.31
C2 NAG C . 4.74 40.66 24.27
C3 NAG C . 4.28 42.00 23.75
C4 NAG C . 4.77 42.14 22.32
C5 NAG C . 4.37 40.93 21.45
C6 NAG C . 4.93 40.97 20.03
C7 NAG C . 4.88 39.84 26.57
C8 NAG C . 4.28 39.78 27.94
N2 NAG C . 4.21 40.53 25.64
O3 NAG C . 4.76 43.07 24.63
O4 NAG C . 4.11 43.33 21.82
O5 NAG C . 4.83 39.68 22.02
O6 NAG C . 6.35 41.05 20.04
O7 NAG C . 5.90 39.25 26.29
C1 NAG C . 5.08 44.21 21.23
C2 NAG C . 4.36 45.28 20.41
C3 NAG C . 5.40 46.18 19.72
C4 NAG C . 6.48 46.63 20.71
C5 NAG C . 6.98 45.55 21.69
C6 NAG C . 7.73 46.24 22.83
C7 NAG C . 2.14 44.54 19.58
C8 NAG C . 1.41 43.90 18.44
N2 NAG C . 3.48 44.67 19.41
O3 NAG C . 4.74 47.35 19.18
O4 NAG C . 7.60 47.02 19.90
O5 NAG C . 5.85 44.83 22.25
O6 NAG C . 6.84 47.07 23.60
O7 NAG C . 1.55 44.89 20.59
C1 BMA C . 7.70 48.43 19.71
C2 BMA C . 9.14 48.69 19.36
C3 BMA C . 9.35 50.18 19.10
C4 BMA C . 8.31 50.75 18.14
C5 BMA C . 6.89 50.36 18.60
C6 BMA C . 5.81 50.89 17.65
O2 BMA C . 9.41 47.99 18.15
O3 BMA C . 10.65 50.31 18.53
O4 BMA C . 8.47 52.18 18.07
O5 BMA C . 6.83 48.90 18.67
O6 BMA C . 4.51 50.38 18.00
C1 MAN C . 11.40 51.30 19.26
C2 MAN C . 12.44 51.70 18.24
C3 MAN C . 13.43 50.55 18.03
C4 MAN C . 14.09 50.23 19.37
C5 MAN C . 13.02 49.82 20.36
C6 MAN C . 13.66 49.56 21.73
O2 MAN C . 13.09 52.91 18.70
O3 MAN C . 14.39 50.81 16.97
O4 MAN C . 14.98 49.13 19.16
O5 MAN C . 12.03 50.85 20.47
O6 MAN C . 13.88 50.77 22.45
CA CA D . -2.80 -20.47 -11.00
CA CA E . -16.70 -12.51 -23.23
C1 G39 F . 8.03 -22.47 -13.47
O1A G39 F . 8.46 -22.96 -14.54
O1B G39 F . 6.85 -22.61 -13.04
C2 G39 F . 8.93 -21.65 -12.67
C3 G39 F . 10.36 -21.44 -13.15
C4 G39 F . 10.98 -20.17 -12.50
C5 G39 F . 10.70 -20.11 -10.98
N5 G39 F . 11.30 -18.88 -10.42
C10 G39 F . 12.31 -18.89 -9.57
O10 G39 F . 12.78 -19.94 -9.09
C11 G39 F . 12.79 -17.53 -9.16
C6 G39 F . 9.22 -20.01 -10.78
C7 G39 F . 8.46 -21.02 -11.57
O7 G39 F . 8.84 -20.11 -9.37
C8 G39 F . 8.45 -18.83 -8.81
C9 G39 F . 7.11 -18.30 -9.37
C81 G39 F . 8.42 -18.96 -7.32
C82 G39 F . 9.80 -19.27 -6.75
C91 G39 F . 5.93 -19.18 -9.07
N4 G39 F . 12.41 -20.10 -12.79
C1 NAG G . 2.95 12.92 -25.64
C2 NAG G . 1.90 14.01 -25.96
C3 NAG G . 2.54 15.23 -26.66
C4 NAG G . 4.05 15.48 -26.33
C5 NAG G . 4.82 14.17 -26.31
C6 NAG G . 6.35 14.22 -26.18
C7 NAG G . -0.45 13.06 -26.45
C8 NAG G . -1.12 13.87 -25.37
N2 NAG G . 0.89 13.21 -26.68
O3 NAG G . 1.73 16.37 -26.28
O4 NAG G . 4.72 16.36 -27.27
O5 NAG G . 4.23 13.43 -25.24
O6 NAG G . 6.81 15.13 -25.17
O7 NAG G . -1.08 12.26 -27.14
C1 NAG H . 23.81 -36.18 -13.80
C2 NAG H . 24.77 -37.31 -14.20
C3 NAG H . 24.71 -38.40 -13.10
C4 NAG H . 25.00 -37.83 -11.70
C5 NAG H . 24.04 -36.68 -11.40
C6 NAG H . 24.33 -36.01 -10.03
C7 NAG H . 25.01 -37.54 -16.67
C8 NAG H . 24.51 -38.37 -17.82
N2 NAG H . 24.48 -37.92 -15.49
O3 NAG H . 25.66 -39.44 -13.42
O4 NAG H . 24.91 -38.82 -10.66
O5 NAG H . 24.13 -35.71 -12.47
O6 NAG H . 25.70 -35.55 -9.94
O7 NAG H . 25.81 -36.60 -16.82
C1 NAG I . 8.48 14.24 -17.80
C2 NAG I . 7.41 15.27 -17.47
C3 NAG I . 8.04 16.66 -17.27
C4 NAG I . 9.20 16.62 -16.27
C5 NAG I . 10.20 15.60 -16.80
C6 NAG I . 11.51 15.50 -16.00
C7 NAG I . 5.26 14.70 -18.55
C8 NAG I . 4.51 14.77 -19.87
N2 NAG I . 6.48 15.26 -18.60
O3 NAG I . 6.99 17.53 -16.78
O4 NAG I . 9.77 17.93 -16.06
O5 NAG I . 9.49 14.33 -16.78
O6 NAG I . 12.63 15.67 -16.92
O7 NAG I . 4.77 14.18 -17.55
C1 EDO J . 22.07 -27.12 -11.77
O1 EDO J . 21.87 -25.90 -11.05
C2 EDO J . 22.51 -26.79 -13.17
O2 EDO J . 23.70 -25.95 -13.10
C1 EDO K . 13.59 -28.00 -9.24
O1 EDO K . 12.54 -27.29 -9.91
C2 EDO K . 14.20 -27.11 -8.17
O2 EDO K . 14.50 -25.78 -8.67
C1 EDO L . 26.26 -9.90 -3.43
O1 EDO L . 25.98 -8.90 -2.51
C2 EDO L . 25.07 -10.03 -4.38
O2 EDO L . 24.97 -8.99 -5.34
C1 EDO M . 11.13 3.46 -1.59
O1 EDO M . 12.30 4.14 -2.08
C2 EDO M . 10.12 4.35 -0.83
O2 EDO M . 9.12 5.05 -1.62
C1 EDO N . -0.35 -5.94 3.06
O1 EDO N . -1.64 -6.09 2.47
C2 EDO N . 0.05 -4.51 3.27
O2 EDO N . -1.05 -3.58 3.34
C1 EDO O . -8.38 -5.89 -1.54
O1 EDO O . -9.50 -6.74 -1.20
C2 EDO O . -7.79 -5.19 -0.32
O2 EDO O . -8.78 -4.75 0.65
C1 EDO P . -7.41 1.25 -21.50
O1 EDO P . -7.92 0.09 -22.16
C2 EDO P . -7.04 1.06 -20.01
O2 EDO P . -5.83 0.25 -19.83
C1 EDO Q . 14.28 -3.81 -34.56
O1 EDO Q . 15.38 -3.18 -35.20
C2 EDO Q . 14.68 -5.28 -34.39
O2 EDO Q . 16.03 -5.38 -33.90
CA CA R . 32.55 -27.04 -32.49
CA CA S . -12.18 18.98 6.56
CA CA T . -28.75 7.87 9.90
C1 G39 U . -5.03 22.82 14.32
O1A G39 U . -5.82 22.72 13.32
O1B G39 U . -5.35 23.29 15.43
C2 G39 U . -3.69 22.25 14.18
C3 G39 U . -2.73 22.24 15.35
C4 G39 U . -1.65 21.13 15.19
C5 G39 U . -1.04 21.13 13.77
N5 G39 U . 0.00 20.10 13.68
C10 G39 U . 1.31 20.32 13.53
O10 G39 U . 1.76 21.43 13.28
C11 G39 U . 2.22 19.12 13.54
C6 G39 U . -2.15 20.79 12.80
C7 G39 U . -3.39 21.64 13.00
O7 G39 U . -1.71 20.90 11.43
C8 G39 U . -1.50 19.58 10.84
C9 G39 U . -2.80 18.78 10.64
C81 G39 U . -0.76 19.79 9.54
C82 G39 U . 0.60 20.36 9.81
C91 G39 U . -3.79 19.46 9.75
N4 G39 U . -0.62 21.29 16.24
C1 NAG V . -8.81 -13.62 23.88
C2 NAG V . -9.35 -15.04 23.63
C3 NAG V . -9.17 -16.01 24.79
C4 NAG V . -7.75 -15.96 25.36
C5 NAG V . -7.43 -14.48 25.63
C6 NAG V . -6.11 -14.28 26.36
C7 NAG V . -11.18 -14.96 22.04
C8 NAG V . -12.67 -15.04 21.87
N2 NAG V . -10.76 -15.05 23.29
O3 NAG V . -9.52 -17.32 24.28
O4 NAG V . -7.61 -16.76 26.55
O5 NAG V . -7.45 -13.76 24.37
O6 NAG V . -5.05 -14.99 25.70
O7 NAG V . -10.39 -14.83 21.10
C1 EDO W . 6.24 29.88 21.52
O1 EDO W . 7.34 29.18 22.12
C2 EDO W . 6.61 30.16 20.06
O2 EDO W . 7.08 28.97 19.42
C1 EDO X . 1.89 28.87 12.80
O1 EDO X . 2.15 27.63 13.49
C2 EDO X . 0.63 29.51 13.36
O2 EDO X . -0.44 28.54 13.48
C1 EDO Y . 6.69 12.65 38.20
O1 EDO Y . 8.11 12.70 38.03
C2 EDO Y . 6.18 14.09 38.30
O2 EDO Y . 6.50 14.67 39.57
C1 EDO Z . -20.40 -2.86 8.65
O1 EDO Z . -19.57 -3.68 9.48
C2 EDO Z . -19.88 -2.86 7.21
O2 EDO Z . -19.21 -1.60 6.95
C1 EDO AA . -8.95 -5.30 8.21
O1 EDO AA . -8.65 -5.14 6.80
C2 EDO AA . -9.94 -4.29 8.76
O2 EDO AA . -10.61 -3.68 7.65
C1 EDO BA . -7.93 4.81 36.91
O1 EDO BA . -6.88 4.03 37.50
C2 EDO BA . -7.40 6.16 36.45
O2 EDO BA . -6.06 6.37 36.91
#